data_7SGD
#
_entry.id   7SGD
#
loop_
_entity.id
_entity.type
_entity.pdbx_description
1 polymer 'Josiah GPCysR4 I53-50A'
2 branched 2-acetamido-2-deoxy-beta-D-glucopyranose-(1-4)-2-acetamido-2-deoxy-beta-D-glucopyranose
3 branched beta-D-mannopyranose-(1-4)-2-acetamido-2-deoxy-beta-D-glucopyranose-(1-4)-2-acetamido-2-deoxy-beta-D-glucopyranose
4 branched alpha-D-mannopyranose-(1-3)-[alpha-D-mannopyranose-(1-6)]beta-D-mannopyranose-(1-4)-2-acetamido-2-deoxy-beta-D-glucopyranose-(1-4)-2-acetamido-2-deoxy-beta-D-glucopyranose
5 branched 2-acetamido-2-deoxy-beta-D-glucopyranose-(1-4)-[alpha-L-fucopyranose-(1-6)]2-acetamido-2-deoxy-beta-D-glucopyranose
6 non-polymer 2-acetamido-2-deoxy-beta-D-glucopyranose
#
_entity_poly.entity_id   1
_entity_poly.type   'polypeptide(L)'
_entity_poly.pdbx_seq_one_letter_code
;MGQIVTFFQEVPHVIEEVMNIVLIALSVLAVLKGLYNFATCGLVGLVTFLLLCGRSCTTSLYKGVYELQTLELNMETLNM
TMPLSCTKNNSHHYIMVGNETGLELTLTNTSIINHKFCNLSDAHKKNLYDHALMSIISTFHLSIPNFNQYEAMSCDFNGG
KISVQYNLSHSYAGDAANHCGTVANGVLQTFMRMAWGGSYIALDSGCGNWDCIMTSYQYLIIQNTTWEDHCQFSRPSPIG
YLGLLSQRTRDIYISRRRRGTFTWTLSDSEGKDTPGGYCLTRWMLIEAELKCFGNTAVAKCNEKHDEEFCDMLRLFDFNK
QAIQRLKAPAQMSIQLINKAVNALINDQLIMKNHLRDIMCIPYCNYSKYWYLNHTTTGRTSLPKCWLVSNGSYLNETHFS
DDIEQQADNMITEMLQKEYMERQGGSGGSGGSGGSGGSEKAAKAEEAARKMEELFKKHKIVAVLRANSVEEAIEKAVAVF
AGGVHLIEITFTVPDADTVIKALSVLKEKGAIIGAGTVTSVEQCRKAVESGAEFIVSPHLDEEISQFCKEKGVFYMPGVM
TPTELVKAMKLGHDILKLFPGEVVGPEFVKAMKGPFPNVKFVPTGGVDLDNVCEWFDAGVLAVGVGDALVEGDPDEVREK
AKEFVEKIRGCTEGSLEWSHPQFEK
;
_entity_poly.pdbx_strand_id   A,a,B,b,C,c
#
# COMPACT_ATOMS: atom_id res chain seq x y z
N SER A 60 34.41 -21.36 3.51
CA SER A 60 33.27 -22.24 3.69
C SER A 60 32.50 -22.38 2.36
N LEU A 61 32.64 -23.57 1.70
CA LEU A 61 32.02 -23.90 0.41
C LEU A 61 30.86 -24.84 0.55
N TYR A 62 29.71 -24.39 0.10
CA TYR A 62 28.49 -25.14 0.14
C TYR A 62 28.33 -25.88 -1.14
N LYS A 63 27.95 -27.14 -1.03
CA LYS A 63 27.78 -27.98 -2.20
C LYS A 63 29.06 -28.01 -3.01
N GLY A 64 30.20 -27.99 -2.32
CA GLY A 64 31.48 -28.05 -2.99
C GLY A 64 32.02 -26.74 -3.57
N VAL A 65 31.17 -25.99 -4.27
CA VAL A 65 31.61 -24.78 -4.96
C VAL A 65 31.10 -23.41 -4.53
N TYR A 66 30.15 -23.30 -3.62
CA TYR A 66 29.66 -21.96 -3.32
C TYR A 66 30.19 -21.36 -2.05
N GLU A 67 30.97 -20.32 -2.19
CA GLU A 67 31.53 -19.70 -1.02
C GLU A 67 30.55 -18.79 -0.40
N LEU A 68 30.48 -18.81 0.90
CA LEU A 68 29.64 -17.87 1.57
C LEU A 68 30.43 -16.62 1.88
N GLN A 69 30.00 -15.54 1.27
CA GLN A 69 30.67 -14.27 1.38
C GLN A 69 29.70 -13.24 1.92
N THR A 70 30.25 -12.20 2.57
CA THR A 70 29.41 -11.21 3.29
C THR A 70 29.59 -9.80 2.69
N LEU A 71 28.57 -8.98 2.82
CA LEU A 71 28.57 -7.56 2.51
C LEU A 71 27.98 -6.73 3.63
N GLU A 72 28.57 -5.57 3.92
CA GLU A 72 27.97 -4.69 4.92
C GLU A 72 27.77 -3.29 4.35
N LEU A 73 26.56 -2.76 4.51
CA LEU A 73 26.27 -1.46 3.92
C LEU A 73 26.63 -0.27 4.76
N ASN A 74 27.16 0.76 4.09
CA ASN A 74 27.44 2.01 4.76
C ASN A 74 26.29 2.96 4.50
N MET A 75 25.43 3.15 5.48
CA MET A 75 24.26 3.96 5.25
C MET A 75 24.50 5.42 5.54
N GLU A 76 25.71 5.75 5.92
CA GLU A 76 26.05 7.11 6.28
C GLU A 76 26.05 8.01 5.08
N THR A 77 26.16 7.42 3.90
CA THR A 77 26.25 8.16 2.66
C THR A 77 24.90 8.71 2.27
N LEU A 78 23.88 8.27 2.97
CA LEU A 78 22.51 8.71 2.74
C LEU A 78 22.14 9.99 3.56
N ASN A 79 23.08 10.52 4.42
CA ASN A 79 22.90 11.65 5.34
C ASN A 79 22.43 12.95 4.67
N MET A 80 22.74 13.15 3.37
CA MET A 80 22.39 14.33 2.60
C MET A 80 20.93 14.37 2.18
N THR A 81 20.26 13.22 2.15
CA THR A 81 18.90 13.28 1.69
C THR A 81 17.89 12.84 2.72
N MET A 82 18.28 12.03 3.67
CA MET A 82 17.29 11.55 4.63
C MET A 82 17.94 11.47 5.99
N PRO A 83 17.21 11.68 7.09
CA PRO A 83 17.73 11.62 8.43
C PRO A 83 18.09 10.22 8.80
N LEU A 84 19.11 10.10 9.61
CA LEU A 84 19.50 8.79 10.07
C LEU A 84 19.36 8.67 11.56
N SER A 85 18.83 7.55 12.00
CA SER A 85 18.67 7.26 13.40
C SER A 85 19.84 6.41 13.85
N CYS A 86 20.48 6.76 14.99
CA CYS A 86 21.61 6.01 15.56
C CYS A 86 21.49 6.13 17.07
N THR A 87 21.79 5.07 17.80
CA THR A 87 21.65 5.17 19.25
C THR A 87 22.97 5.10 19.95
N LYS A 88 22.96 5.48 21.22
CA LYS A 88 24.14 5.31 22.06
C LYS A 88 23.92 4.31 23.18
N ASN A 89 22.75 4.39 23.85
CA ASN A 89 22.33 3.51 24.94
C ASN A 89 20.82 3.68 25.12
N ASN A 90 20.21 3.06 26.15
CA ASN A 90 18.76 3.09 26.40
C ASN A 90 18.24 4.46 26.81
N SER A 91 19.13 5.37 27.14
CA SER A 91 18.72 6.70 27.54
C SER A 91 18.88 7.68 26.41
N HIS A 92 19.63 7.32 25.36
CA HIS A 92 19.90 8.26 24.29
C HIS A 92 19.84 7.72 22.90
N HIS A 93 18.96 8.33 22.14
CA HIS A 93 18.75 8.04 20.73
C HIS A 93 19.03 9.34 19.99
N TYR A 94 19.73 9.28 18.88
CA TYR A 94 20.05 10.50 18.15
C TYR A 94 19.67 10.50 16.70
N ILE A 95 19.01 11.58 16.30
CA ILE A 95 18.61 11.72 14.91
C ILE A 95 19.49 12.75 14.26
N MET A 96 20.08 12.39 13.13
CA MET A 96 21.02 13.32 12.55
C MET A 96 20.67 13.77 11.15
N VAL A 97 20.99 15.03 10.88
CA VAL A 97 20.79 15.67 9.60
C VAL A 97 22.06 16.21 8.92
N GLY A 98 22.27 15.77 7.68
CA GLY A 98 23.41 16.19 6.91
C GLY A 98 24.64 15.77 7.66
N ASN A 99 25.58 16.70 7.82
CA ASN A 99 26.84 16.53 8.54
C ASN A 99 27.01 17.59 9.66
N GLU A 100 25.92 18.34 10.01
CA GLU A 100 25.97 19.45 10.96
C GLU A 100 25.09 19.37 12.20
N THR A 101 23.87 18.86 12.08
CA THR A 101 23.01 19.00 13.25
C THR A 101 22.17 17.78 13.51
N GLY A 102 21.31 17.88 14.50
CA GLY A 102 20.46 16.78 14.87
C GLY A 102 19.76 17.05 16.18
N LEU A 103 18.97 16.07 16.58
CA LEU A 103 18.19 16.14 17.78
C LEU A 103 18.47 14.95 18.68
N GLU A 104 18.63 15.21 19.95
CA GLU A 104 18.79 14.12 20.88
C GLU A 104 17.46 13.81 21.46
N LEU A 105 17.22 12.55 21.67
CA LEU A 105 16.03 12.11 22.33
C LEU A 105 16.50 11.44 23.60
N THR A 106 16.09 11.96 24.73
CA THR A 106 16.59 11.35 25.94
C THR A 106 15.61 11.14 27.05
N LEU A 107 15.88 10.09 27.79
CA LEU A 107 15.05 9.76 28.92
C LEU A 107 15.70 10.18 30.20
N THR A 108 14.99 11.02 30.93
CA THR A 108 15.47 11.59 32.18
C THR A 108 14.42 11.59 33.31
N ASN A 109 14.88 11.93 34.54
CA ASN A 109 14.04 12.18 35.73
C ASN A 109 14.09 13.67 36.15
N THR A 110 14.58 14.57 35.27
CA THR A 110 14.70 16.02 35.46
C THR A 110 13.95 16.74 34.37
N SER A 111 13.74 18.02 34.55
CA SER A 111 13.04 18.81 33.55
C SER A 111 13.88 19.94 33.02
N ILE A 112 13.51 20.37 31.83
CA ILE A 112 14.10 21.52 31.17
C ILE A 112 13.10 22.64 30.95
N ILE A 113 11.84 22.29 30.78
CA ILE A 113 10.79 23.25 30.52
C ILE A 113 9.84 23.35 31.70
N ASN A 114 9.68 24.58 32.17
CA ASN A 114 8.85 24.92 33.32
C ASN A 114 7.44 25.33 32.94
N HIS A 115 7.15 25.19 31.68
CA HIS A 115 5.86 25.52 31.11
C HIS A 115 4.93 24.35 31.27
N LYS A 116 3.65 24.67 31.24
CA LYS A 116 2.58 23.70 31.29
C LYS A 116 1.82 23.72 29.97
N PHE A 117 2.49 24.26 28.97
CA PHE A 117 1.99 24.47 27.63
C PHE A 117 3.08 24.40 26.57
N CYS A 118 2.68 24.10 25.31
CA CYS A 118 3.57 23.99 24.16
C CYS A 118 3.28 25.06 23.12
N ASN A 119 4.26 25.93 22.91
CA ASN A 119 4.12 26.97 21.90
C ASN A 119 4.64 26.45 20.55
N LEU A 120 4.01 25.36 20.01
CA LEU A 120 4.44 24.72 18.75
C LEU A 120 4.04 25.52 17.54
N SER A 121 2.84 26.04 17.52
CA SER A 121 2.43 26.77 16.32
C SER A 121 3.19 28.07 16.21
N ASP A 122 3.59 28.60 17.36
CA ASP A 122 4.33 29.85 17.38
C ASP A 122 5.73 29.63 16.86
N ALA A 123 6.15 28.38 16.82
CA ALA A 123 7.47 28.06 16.39
C ALA A 123 7.58 28.27 14.90
N HIS A 124 6.45 28.23 14.16
CA HIS A 124 6.53 28.47 12.73
C HIS A 124 6.00 29.86 12.44
N LYS A 125 5.19 30.39 13.36
CA LYS A 125 4.65 31.74 13.22
C LYS A 125 5.85 32.66 13.19
N LYS A 126 6.76 32.43 14.13
CA LYS A 126 8.02 33.12 14.18
C LYS A 126 8.78 32.48 13.06
N ASN A 127 9.65 33.21 12.37
CA ASN A 127 10.37 32.45 11.38
C ASN A 127 11.05 31.34 12.12
N LEU A 128 10.78 30.13 11.71
CA LEU A 128 11.31 28.98 12.37
C LEU A 128 12.78 28.80 12.14
N TYR A 129 13.43 28.03 13.01
CA TYR A 129 14.91 27.93 13.02
C TYR A 129 15.44 26.90 12.00
N ASP A 130 14.67 25.84 11.70
CA ASP A 130 15.04 24.91 10.62
C ASP A 130 13.85 24.08 10.21
N HIS A 131 13.43 24.19 8.96
CA HIS A 131 12.25 23.47 8.53
C HIS A 131 12.45 21.99 8.73
N ALA A 132 13.66 21.50 8.52
CA ALA A 132 13.86 20.08 8.66
C ALA A 132 13.62 19.62 10.07
N LEU A 133 14.02 20.43 11.04
CA LEU A 133 13.91 19.92 12.37
C LEU A 133 12.52 20.10 12.85
N MET A 134 11.87 21.16 12.39
CA MET A 134 10.53 21.34 12.85
C MET A 134 9.67 20.23 12.30
N SER A 135 9.98 19.81 11.08
CA SER A 135 9.25 18.76 10.44
C SER A 135 9.41 17.47 11.18
N ILE A 136 10.64 17.16 11.60
CA ILE A 136 10.87 15.93 12.32
C ILE A 136 10.14 15.95 13.65
N ILE A 137 10.19 17.05 14.37
CA ILE A 137 9.54 17.15 15.65
C ILE A 137 8.06 16.98 15.50
N SER A 138 7.50 17.64 14.50
CA SER A 138 6.09 17.55 14.26
C SER A 138 5.73 16.13 13.95
N THR A 139 6.52 15.46 13.12
CA THR A 139 6.21 14.10 12.77
C THR A 139 6.13 13.23 13.99
N PHE A 140 7.09 13.36 14.90
CA PHE A 140 7.04 12.56 16.09
C PHE A 140 5.73 12.82 16.81
N HIS A 141 5.41 14.09 17.01
CA HIS A 141 4.21 14.42 17.75
C HIS A 141 2.95 13.90 17.09
N LEU A 142 2.85 14.03 15.79
CA LEU A 142 1.68 13.63 15.06
C LEU A 142 1.45 12.14 15.16
N SER A 143 2.54 11.38 15.23
CA SER A 143 2.46 9.94 15.36
C SER A 143 1.76 9.55 16.65
N ILE A 144 2.01 10.29 17.72
CA ILE A 144 1.46 9.95 19.02
C ILE A 144 -0.06 10.17 19.03
N PRO A 145 -0.88 9.16 19.39
CA PRO A 145 -2.32 9.30 19.48
C PRO A 145 -2.62 10.18 20.70
N ASN A 146 -3.59 11.13 20.59
CA ASN A 146 -3.97 12.03 21.70
C ASN A 146 -5.50 12.19 21.71
N TYR A 150 -5.58 14.81 24.77
CA TYR A 150 -4.39 14.77 25.60
C TYR A 150 -3.34 15.81 25.15
N GLU A 151 -2.85 16.64 26.11
CA GLU A 151 -1.83 17.68 25.91
C GLU A 151 -0.70 17.62 26.94
N ALA A 152 -0.16 16.43 27.21
CA ALA A 152 0.91 16.31 28.21
C ALA A 152 2.28 16.63 27.60
N MET A 153 2.40 17.84 27.08
CA MET A 153 3.59 18.34 26.42
C MET A 153 3.83 19.80 26.65
N SER A 154 5.07 20.14 26.91
CA SER A 154 5.46 21.53 27.04
C SER A 154 6.56 21.79 26.04
N CYS A 155 6.60 23.00 25.44
CA CYS A 155 7.60 23.34 24.39
C CYS A 155 8.10 24.74 24.54
N ASP A 156 9.39 24.91 24.25
CA ASP A 156 10.03 26.19 24.31
C ASP A 156 10.24 26.82 22.95
N PHE A 157 11.14 26.24 22.16
CA PHE A 157 11.49 26.78 20.85
C PHE A 157 11.99 28.23 20.84
N ASN A 158 12.65 28.70 21.89
CA ASN A 158 13.11 30.08 21.90
C ASN A 158 14.56 30.24 21.51
N GLY A 159 14.80 30.87 20.38
CA GLY A 159 16.15 31.03 19.88
C GLY A 159 16.49 29.83 19.01
N GLY A 160 17.79 29.67 18.74
CA GLY A 160 18.27 28.59 17.85
C GLY A 160 18.18 27.25 18.54
N LYS A 161 18.41 27.25 19.87
CA LYS A 161 18.26 26.02 20.67
C LYS A 161 16.78 25.64 20.78
N ILE A 162 16.34 24.65 20.02
CA ILE A 162 14.97 24.26 20.13
C ILE A 162 14.84 23.00 20.96
N SER A 163 13.85 23.01 21.84
CA SER A 163 13.59 21.87 22.66
C SER A 163 12.12 21.78 23.06
N VAL A 164 11.74 20.51 23.29
CA VAL A 164 10.44 20.00 23.71
C VAL A 164 10.53 18.99 24.84
N GLN A 165 9.58 19.04 25.76
CA GLN A 165 9.55 18.05 26.83
C GLN A 165 8.19 17.39 27.03
N TYR A 166 8.17 16.08 27.11
CA TYR A 166 6.93 15.37 27.40
C TYR A 166 6.91 14.90 28.84
N ASN A 167 5.71 15.01 29.48
CA ASN A 167 5.43 14.57 30.85
C ASN A 167 4.86 13.16 30.81
N LEU A 168 5.68 12.14 31.15
CA LEU A 168 5.31 10.71 31.03
C LEU A 168 4.61 10.27 32.30
N SER A 169 3.50 10.92 32.56
CA SER A 169 2.71 10.71 33.75
C SER A 169 1.57 9.73 33.54
N HIS A 170 1.28 8.99 34.58
CA HIS A 170 0.16 8.06 34.58
C HIS A 170 -0.29 7.87 36.04
N SER A 171 -1.53 7.35 36.24
CA SER A 171 -2.09 7.04 37.56
C SER A 171 -1.40 5.81 38.17
N ASN A 178 -2.54 1.52 37.21
CA ASN A 178 -2.40 0.84 35.94
C ASN A 178 -2.19 1.90 34.84
N HIS A 179 -1.09 1.77 34.09
CA HIS A 179 -0.65 2.64 32.99
C HIS A 179 -1.24 2.39 31.58
N CYS A 180 -1.94 1.27 31.36
CA CYS A 180 -2.36 0.84 30.04
C CYS A 180 -3.34 1.82 29.37
N GLY A 181 -2.93 2.30 28.19
CA GLY A 181 -3.70 3.26 27.40
C GLY A 181 -3.22 4.72 27.47
N THR A 182 -2.30 5.06 28.39
CA THR A 182 -1.85 6.46 28.46
C THR A 182 -1.01 6.90 27.29
N VAL A 183 -1.05 8.21 27.03
CA VAL A 183 -0.23 8.79 25.99
C VAL A 183 1.23 8.72 26.33
N ALA A 184 1.54 8.57 27.62
CA ALA A 184 2.92 8.40 28.01
C ALA A 184 3.48 7.16 27.32
N ASN A 185 2.63 6.16 27.07
CA ASN A 185 3.09 4.94 26.45
C ASN A 185 3.18 5.21 25.00
N GLY A 186 2.26 6.00 24.47
CA GLY A 186 2.31 6.30 23.05
C GLY A 186 3.67 6.92 22.73
N VAL A 187 4.16 7.75 23.65
CA VAL A 187 5.45 8.40 23.50
C VAL A 187 6.57 7.40 23.63
N LEU A 188 6.52 6.53 24.63
CA LEU A 188 7.57 5.55 24.81
C LEU A 188 7.68 4.58 23.63
N GLN A 189 6.54 4.17 23.11
CA GLN A 189 6.49 3.24 22.00
C GLN A 189 7.03 3.86 20.74
N THR A 190 6.69 5.12 20.50
CA THR A 190 7.17 5.79 19.31
C THR A 190 8.65 6.00 19.44
N PHE A 191 9.10 6.37 20.64
CA PHE A 191 10.51 6.58 20.90
C PHE A 191 11.29 5.35 20.55
N MET A 192 10.87 4.18 21.02
CA MET A 192 11.61 2.98 20.69
C MET A 192 11.52 2.64 19.21
N ARG A 193 10.37 2.87 18.60
CA ARG A 193 10.18 2.56 17.20
C ARG A 193 11.09 3.36 16.31
N MET A 194 11.37 4.58 16.70
CA MET A 194 12.21 5.50 15.99
C MET A 194 13.67 5.06 15.89
N ALA A 195 14.09 4.19 16.79
CA ALA A 195 15.48 3.80 16.81
C ALA A 195 15.62 2.39 17.32
N TRP A 196 15.38 1.41 16.47
CA TRP A 196 15.36 0.05 17.00
C TRP A 196 16.65 -0.32 17.68
N GLY A 197 17.77 0.06 17.07
CA GLY A 197 19.04 -0.37 17.60
C GLY A 197 18.94 -1.88 17.53
N GLY A 198 19.26 -2.55 18.63
CA GLY A 198 19.13 -4.00 18.66
C GLY A 198 17.97 -4.40 19.58
N SER A 199 17.24 -3.39 20.09
CA SER A 199 16.15 -3.57 21.06
C SER A 199 16.53 -4.48 22.24
N TYR A 200 17.76 -4.33 22.78
CA TYR A 200 18.32 -5.14 23.85
C TYR A 200 19.67 -4.55 24.22
N GLY A 206 10.64 -7.79 28.31
CA GLY A 206 11.10 -9.16 28.31
C GLY A 206 10.14 -10.08 27.55
N CYS A 207 9.91 -9.75 26.24
CA CYS A 207 9.05 -10.42 25.26
C CYS A 207 7.59 -10.47 25.74
N GLY A 208 7.16 -9.42 26.40
CA GLY A 208 5.77 -9.32 26.84
C GLY A 208 5.07 -8.56 25.75
N ASN A 209 3.85 -8.12 25.98
CA ASN A 209 3.23 -7.36 24.90
C ASN A 209 3.79 -5.96 24.96
N TRP A 210 3.99 -5.36 23.80
CA TRP A 210 4.50 -3.99 23.71
C TRP A 210 3.41 -2.95 23.93
N ASP A 211 2.17 -3.40 23.80
CA ASP A 211 0.97 -2.56 23.81
C ASP A 211 0.78 -1.61 25.01
N CYS A 212 1.07 -2.09 26.23
CA CYS A 212 0.94 -1.38 27.51
C CYS A 212 2.19 -1.58 28.35
N ILE A 213 3.17 -0.75 28.05
CA ILE A 213 4.48 -0.79 28.65
C ILE A 213 4.78 0.50 29.35
N MET A 214 5.74 0.49 30.24
CA MET A 214 6.11 1.68 30.98
C MET A 214 7.57 1.65 31.33
N THR A 215 8.17 2.82 31.50
CA THR A 215 9.56 2.85 31.92
C THR A 215 9.74 3.62 33.22
N SER A 216 10.96 3.62 33.72
CA SER A 216 11.30 4.27 34.98
C SER A 216 11.49 5.77 34.89
N TYR A 217 11.65 6.28 33.69
CA TYR A 217 11.91 7.68 33.50
C TYR A 217 10.63 8.47 33.48
N GLN A 218 10.66 9.62 34.13
CA GLN A 218 9.52 10.54 34.14
C GLN A 218 9.37 11.44 32.92
N TYR A 219 10.47 11.77 32.26
CA TYR A 219 10.34 12.70 31.16
C TYR A 219 11.10 12.33 29.90
N LEU A 220 10.54 12.79 28.78
CA LEU A 220 11.25 12.69 27.50
C LEU A 220 11.64 14.04 27.00
N ILE A 221 12.91 14.17 26.70
CA ILE A 221 13.43 15.42 26.16
C ILE A 221 13.90 15.31 24.75
N ILE A 222 13.42 16.23 23.95
CA ILE A 222 13.84 16.33 22.58
C ILE A 222 14.60 17.63 22.47
N GLN A 223 15.86 17.57 22.09
CA GLN A 223 16.58 18.84 22.03
C GLN A 223 17.62 18.96 20.93
N ASN A 224 17.79 20.16 20.37
CA ASN A 224 18.91 20.24 19.40
C ASN A 224 20.22 20.00 20.11
N THR A 225 21.13 19.54 19.28
CA THR A 225 22.49 19.12 19.59
C THR A 225 23.45 19.33 18.43
N THR A 226 24.68 18.86 18.62
CA THR A 226 25.71 19.03 17.61
C THR A 226 26.15 17.71 17.01
N TRP A 227 27.03 17.76 16.02
CA TRP A 227 27.43 16.56 15.32
C TRP A 227 28.55 15.77 15.97
N GLU A 228 28.27 15.16 17.10
CA GLU A 228 29.30 14.38 17.77
C GLU A 228 28.82 13.05 18.32
N ASP A 229 29.63 12.03 18.12
CA ASP A 229 29.39 10.71 18.71
C ASP A 229 27.98 10.15 18.45
N HIS A 230 27.32 9.68 19.52
CA HIS A 230 25.98 9.07 19.53
C HIS A 230 25.77 7.80 18.70
N CYS A 231 26.81 6.96 18.52
CA CYS A 231 26.73 5.70 17.78
C CYS A 231 27.49 4.59 18.46
N GLN A 232 26.75 3.88 19.28
CA GLN A 232 27.28 2.80 20.04
C GLN A 232 26.17 1.77 20.10
N PHE A 233 26.49 0.51 19.84
CA PHE A 233 25.51 -0.58 19.77
C PHE A 233 24.57 -0.39 18.59
N SER A 234 24.93 0.48 17.67
CA SER A 234 24.15 0.75 16.48
C SER A 234 24.96 1.48 15.46
N ARG A 235 24.42 1.60 14.27
CA ARG A 235 25.02 2.40 13.23
C ARG A 235 23.88 3.21 12.65
N PRO A 236 24.13 4.35 12.04
CA PRO A 236 23.11 5.17 11.45
C PRO A 236 22.31 4.39 10.44
N SER A 237 21.00 4.60 10.48
CA SER A 237 20.07 3.94 9.58
C SER A 237 18.85 4.79 9.32
N PRO A 238 18.36 4.87 8.09
CA PRO A 238 17.19 5.62 7.72
C PRO A 238 15.90 4.92 8.10
N ILE A 239 16.00 3.69 8.55
CA ILE A 239 14.81 2.90 8.76
C ILE A 239 13.86 3.47 9.79
N GLY A 240 14.36 4.00 10.90
CA GLY A 240 13.46 4.49 11.93
C GLY A 240 12.52 5.56 11.39
N TYR A 241 13.11 6.60 10.82
CA TYR A 241 12.33 7.68 10.29
C TYR A 241 11.38 7.21 9.22
N LEU A 242 11.88 6.41 8.30
CA LEU A 242 11.04 6.02 7.21
C LEU A 242 9.87 5.21 7.72
N GLY A 243 10.10 4.36 8.72
CA GLY A 243 9.04 3.56 9.26
C GLY A 243 7.91 4.40 9.81
N LEU A 244 8.23 5.55 10.38
CA LEU A 244 7.17 6.37 10.90
C LEU A 244 6.42 7.03 9.78
N LEU A 245 7.09 7.32 8.67
CA LEU A 245 6.37 7.93 7.58
C LEU A 245 5.38 6.95 7.02
N SER A 246 5.79 5.68 6.98
CA SER A 246 4.93 4.62 6.47
C SER A 246 3.63 4.46 7.28
N GLN A 247 3.72 4.61 8.63
CA GLN A 247 2.59 4.52 9.57
C GLN A 247 1.61 5.67 9.28
N GLY B 260 19.96 -1.89 -20.05
CA GLY B 260 18.62 -1.41 -19.71
C GLY B 260 17.69 -2.53 -19.19
N THR B 261 18.23 -3.48 -18.39
CA THR B 261 17.51 -4.63 -17.84
C THR B 261 17.05 -4.38 -16.42
N PHE B 262 17.33 -3.21 -15.91
CA PHE B 262 16.96 -2.85 -14.57
C PHE B 262 15.84 -1.85 -14.64
N THR B 263 14.72 -2.18 -14.02
CA THR B 263 13.55 -1.34 -13.98
C THR B 263 13.34 -0.84 -12.57
N TRP B 264 14.00 -1.50 -11.61
CA TRP B 264 13.93 -1.18 -10.19
C TRP B 264 14.55 0.16 -9.85
N THR B 265 15.36 0.69 -10.75
CA THR B 265 16.08 1.94 -10.59
C THR B 265 15.17 3.13 -10.85
N LEU B 266 15.61 4.33 -10.47
CA LEU B 266 14.76 5.48 -10.77
C LEU B 266 14.97 6.00 -12.18
N SER B 267 16.22 6.22 -12.56
CA SER B 267 16.52 6.71 -13.89
C SER B 267 16.70 5.49 -14.77
N ASP B 268 16.72 5.66 -16.08
CA ASP B 268 16.92 4.54 -16.99
C ASP B 268 18.33 4.36 -17.55
N SER B 269 19.30 5.11 -17.03
CA SER B 269 20.68 5.07 -17.50
C SER B 269 21.60 4.02 -16.87
N GLU B 270 21.26 3.66 -15.64
CA GLU B 270 22.25 3.11 -14.69
C GLU B 270 22.93 1.90 -15.31
N GLY B 271 22.16 1.01 -15.94
CA GLY B 271 22.73 -0.24 -16.47
C GLY B 271 23.74 -0.05 -17.58
N LYS B 272 23.51 0.86 -18.51
CA LYS B 272 24.40 0.99 -19.71
C LYS B 272 25.84 1.39 -19.37
N ASP B 273 26.03 2.14 -18.27
CA ASP B 273 27.37 2.66 -17.83
C ASP B 273 28.30 1.52 -17.43
N THR B 274 28.08 0.90 -16.26
CA THR B 274 28.91 -0.28 -15.85
C THR B 274 28.67 -1.34 -16.92
N PRO B 275 29.61 -2.24 -17.26
CA PRO B 275 29.42 -3.14 -18.39
C PRO B 275 28.14 -3.94 -18.19
N GLY B 276 27.88 -4.41 -16.96
CA GLY B 276 26.63 -5.13 -16.66
C GLY B 276 26.51 -5.27 -15.15
N GLY B 277 25.37 -5.72 -14.61
CA GLY B 277 25.44 -5.84 -13.17
C GLY B 277 25.29 -4.49 -12.53
N TYR B 278 25.57 -4.46 -11.26
CA TYR B 278 25.43 -3.23 -10.51
C TYR B 278 26.56 -3.25 -9.50
N CYS B 279 27.24 -2.12 -9.32
CA CYS B 279 28.40 -2.00 -8.45
C CYS B 279 28.16 -1.08 -7.27
N LEU B 280 28.75 -1.46 -6.17
CA LEU B 280 28.76 -0.69 -4.95
C LEU B 280 30.19 -0.32 -4.66
N THR B 281 30.44 0.97 -4.66
CA THR B 281 31.79 1.44 -4.48
C THR B 281 32.24 1.39 -3.06
N ARG B 282 33.50 1.68 -2.86
CA ARG B 282 34.09 1.60 -1.54
C ARG B 282 33.37 2.47 -0.55
N TRP B 283 32.94 3.61 -0.98
CA TRP B 283 32.31 4.55 -0.08
C TRP B 283 30.99 4.07 0.43
N MET B 284 30.37 3.13 -0.28
CA MET B 284 29.07 2.63 0.08
C MET B 284 29.14 1.42 0.97
N LEU B 285 30.33 0.94 1.23
CA LEU B 285 30.50 -0.28 1.97
C LEU B 285 31.28 -0.06 3.24
N ILE B 286 31.06 -0.91 4.20
CA ILE B 286 31.84 -0.83 5.41
C ILE B 286 32.98 -1.80 5.40
N GLU B 287 34.19 -1.26 5.55
CA GLU B 287 35.41 -2.03 5.57
C GLU B 287 35.51 -2.96 4.38
N ALA B 288 35.25 -2.41 3.20
CA ALA B 288 35.31 -3.21 2.01
C ALA B 288 35.66 -2.36 0.81
N GLU B 289 36.21 -3.02 -0.18
CA GLU B 289 36.55 -2.45 -1.46
C GLU B 289 35.42 -2.70 -2.42
N LEU B 290 35.57 -2.24 -3.64
CA LEU B 290 34.53 -2.39 -4.63
C LEU B 290 34.05 -3.80 -4.85
N LYS B 291 32.73 -3.95 -4.86
CA LYS B 291 32.08 -5.22 -5.13
C LYS B 291 31.04 -4.99 -6.22
N CYS B 292 30.90 -5.94 -7.16
CA CYS B 292 29.92 -5.89 -8.24
C CYS B 292 29.19 -7.21 -8.30
N PHE B 293 27.89 -7.13 -8.53
CA PHE B 293 27.04 -8.29 -8.65
C PHE B 293 26.58 -8.46 -10.07
N GLY B 294 26.37 -9.72 -10.46
CA GLY B 294 25.96 -10.05 -11.82
C GLY B 294 24.62 -9.49 -12.20
N ASN B 295 24.49 -9.16 -13.49
CA ASN B 295 23.28 -8.56 -14.02
C ASN B 295 22.06 -9.39 -13.78
N THR B 296 22.21 -10.68 -13.88
CA THR B 296 21.08 -11.54 -13.72
C THR B 296 20.54 -11.47 -12.32
N ALA B 297 21.43 -11.49 -11.33
CA ALA B 297 20.97 -11.45 -9.96
C ALA B 297 20.38 -10.10 -9.61
N VAL B 298 20.98 -9.03 -10.11
CA VAL B 298 20.49 -7.72 -9.74
C VAL B 298 19.11 -7.50 -10.27
N ALA B 299 18.90 -7.94 -11.50
CA ALA B 299 17.64 -7.80 -12.19
C ALA B 299 16.52 -8.52 -11.46
N LYS B 300 16.83 -9.43 -10.54
CA LYS B 300 15.74 -10.08 -9.84
C LYS B 300 14.87 -9.08 -9.08
N CYS B 301 15.45 -7.90 -8.64
CA CYS B 301 14.78 -6.84 -7.90
C CYS B 301 13.68 -6.18 -8.73
N ASN B 302 13.66 -6.47 -10.02
CA ASN B 302 12.63 -5.89 -10.83
C ASN B 302 11.28 -6.47 -10.48
N GLU B 303 11.25 -7.74 -10.10
CA GLU B 303 9.99 -8.39 -9.80
C GLU B 303 9.84 -8.75 -8.35
N LYS B 304 10.94 -8.95 -7.66
CA LYS B 304 10.79 -9.36 -6.28
C LYS B 304 10.17 -8.21 -5.52
N HIS B 305 9.23 -8.54 -4.68
CA HIS B 305 8.57 -7.55 -3.87
C HIS B 305 8.63 -7.94 -2.41
N ASP B 306 9.62 -8.75 -2.08
CA ASP B 306 9.83 -9.24 -0.75
C ASP B 306 11.28 -9.25 -0.26
N GLU B 307 12.16 -8.44 -0.84
CA GLU B 307 13.56 -8.51 -0.44
C GLU B 307 14.16 -7.23 0.12
N GLU B 308 14.68 -7.32 1.34
CA GLU B 308 15.27 -6.18 2.02
C GLU B 308 16.45 -5.61 1.30
N PHE B 309 17.25 -6.47 0.68
CA PHE B 309 18.41 -5.98 -0.02
C PHE B 309 18.01 -5.00 -1.13
N CYS B 310 16.99 -5.35 -1.94
CA CYS B 310 16.50 -4.58 -3.08
C CYS B 310 16.00 -3.22 -2.61
N ASP B 311 15.32 -3.16 -1.47
CA ASP B 311 14.93 -1.82 -1.06
C ASP B 311 16.12 -0.99 -0.67
N MET B 312 17.12 -1.59 -0.02
CA MET B 312 18.25 -0.77 0.32
C MET B 312 19.00 -0.33 -0.90
N LEU B 313 19.01 -1.18 -1.90
CA LEU B 313 19.72 -0.90 -3.10
C LEU B 313 19.07 0.30 -3.75
N ARG B 314 17.75 0.30 -3.75
CA ARG B 314 16.99 1.38 -4.34
C ARG B 314 17.24 2.68 -3.61
N LEU B 315 17.36 2.67 -2.29
CA LEU B 315 17.63 3.95 -1.62
C LEU B 315 18.94 4.52 -2.03
N PHE B 316 19.93 3.66 -2.23
CA PHE B 316 21.20 4.21 -2.63
C PHE B 316 21.09 4.79 -4.02
N ASP B 317 20.32 4.15 -4.88
CA ASP B 317 20.17 4.64 -6.24
C ASP B 317 19.48 6.00 -6.21
N PHE B 318 18.47 6.11 -5.35
CA PHE B 318 17.76 7.35 -5.20
C PHE B 318 18.67 8.44 -4.76
N ASN B 319 19.46 8.16 -3.73
CA ASN B 319 20.37 9.13 -3.15
C ASN B 319 21.31 9.63 -4.20
N LYS B 320 21.85 8.73 -5.00
CA LYS B 320 22.76 9.12 -6.05
C LYS B 320 22.08 10.09 -6.99
N GLN B 321 20.85 9.77 -7.38
CA GLN B 321 20.18 10.67 -8.29
C GLN B 321 19.86 11.98 -7.64
N ALA B 322 19.46 11.98 -6.40
CA ALA B 322 19.11 13.26 -5.83
C ALA B 322 20.29 14.18 -5.76
N ILE B 323 21.44 13.64 -5.44
CA ILE B 323 22.61 14.47 -5.32
C ILE B 323 23.07 14.97 -6.66
N GLN B 324 23.11 14.10 -7.65
CA GLN B 324 23.57 14.49 -8.95
C GLN B 324 22.59 15.37 -9.72
N ARG B 325 21.31 15.11 -9.56
CA ARG B 325 20.27 15.83 -10.28
C ARG B 325 19.93 17.16 -9.67
N LEU B 326 19.90 17.24 -8.35
CA LEU B 326 19.46 18.50 -7.83
C LEU B 326 20.60 19.41 -7.54
N LYS B 327 20.66 20.41 -8.41
CA LYS B 327 21.65 21.50 -8.46
C LYS B 327 21.47 22.44 -7.28
N ALA B 328 20.30 22.33 -6.68
CA ALA B 328 19.85 23.12 -5.57
C ALA B 328 20.76 22.88 -4.39
N PRO B 329 20.90 23.82 -3.44
CA PRO B 329 21.73 23.63 -2.27
C PRO B 329 21.28 22.33 -1.66
N ALA B 330 22.23 21.53 -1.20
CA ALA B 330 21.93 20.21 -0.68
C ALA B 330 21.41 20.23 0.73
N GLN B 331 20.21 20.72 0.88
CA GLN B 331 19.53 20.76 2.14
C GLN B 331 18.67 19.53 2.08
N MET B 332 18.28 18.95 3.20
CA MET B 332 17.39 17.84 2.92
C MET B 332 16.08 18.40 2.53
N SER B 333 15.52 17.85 1.48
CA SER B 333 14.18 18.23 1.18
C SER B 333 13.37 17.21 1.87
N ILE B 334 12.79 17.59 2.97
CA ILE B 334 12.08 16.64 3.74
C ILE B 334 10.85 16.30 2.99
N GLN B 335 10.29 17.30 2.35
CA GLN B 335 9.10 17.07 1.61
C GLN B 335 9.38 16.06 0.49
N LEU B 336 10.58 16.09 -0.09
CA LEU B 336 10.89 15.16 -1.16
C LEU B 336 10.93 13.75 -0.65
N ILE B 337 11.53 13.54 0.51
CA ILE B 337 11.58 12.21 1.06
C ILE B 337 10.22 11.74 1.46
N ASN B 338 9.46 12.61 2.08
CA ASN B 338 8.16 12.20 2.54
C ASN B 338 7.30 11.83 1.38
N LYS B 339 7.51 12.49 0.24
CA LYS B 339 6.79 12.17 -0.96
C LYS B 339 7.29 10.89 -1.63
N ALA B 340 8.62 10.75 -1.76
CA ALA B 340 9.26 9.65 -2.46
C ALA B 340 9.22 8.30 -1.75
N VAL B 341 9.23 8.28 -0.42
CA VAL B 341 9.31 7.01 0.27
C VAL B 341 8.22 6.03 -0.07
N ASN B 342 7.05 6.51 -0.38
CA ASN B 342 5.96 5.62 -0.66
C ASN B 342 6.21 4.80 -1.91
N ALA B 343 7.02 5.34 -2.81
CA ALA B 343 7.31 4.70 -4.06
C ALA B 343 8.53 3.81 -3.96
N LEU B 344 9.43 4.15 -3.09
CA LEU B 344 10.69 3.46 -3.03
C LEU B 344 10.78 2.31 -2.02
N ILE B 345 10.03 2.40 -0.95
CA ILE B 345 10.13 1.40 0.11
C ILE B 345 8.93 0.53 0.32
N ASN B 346 9.18 -0.77 0.46
CA ASN B 346 8.10 -1.69 0.73
C ASN B 346 7.90 -1.71 2.23
N ASP B 347 6.83 -1.08 2.66
CA ASP B 347 6.56 -0.89 4.06
C ASP B 347 6.26 -2.17 4.75
N GLN B 348 5.92 -3.19 3.99
CA GLN B 348 5.58 -4.43 4.60
C GLN B 348 6.83 -5.10 5.11
N LEU B 349 7.98 -4.84 4.46
CA LEU B 349 9.18 -5.46 4.95
C LEU B 349 9.56 -4.78 6.22
N ILE B 350 9.29 -3.50 6.26
CA ILE B 350 9.67 -2.78 7.43
C ILE B 350 8.84 -3.27 8.57
N MET B 351 7.56 -3.44 8.33
CA MET B 351 6.73 -3.88 9.40
C MET B 351 6.95 -5.31 9.80
N LYS B 352 7.32 -6.19 8.87
CA LYS B 352 7.56 -7.55 9.30
C LYS B 352 8.77 -7.62 10.17
N ASN B 353 9.81 -6.86 9.86
CA ASN B 353 10.97 -6.96 10.71
C ASN B 353 10.67 -6.32 12.04
N HIS B 354 9.83 -5.31 12.04
CA HIS B 354 9.47 -4.67 13.28
C HIS B 354 8.69 -5.67 14.12
N LEU B 355 7.75 -6.38 13.49
CA LEU B 355 6.92 -7.34 14.16
C LEU B 355 7.73 -8.49 14.71
N ARG B 356 8.68 -8.98 13.93
CA ARG B 356 9.50 -10.06 14.41
C ARG B 356 10.28 -9.60 15.62
N ASP B 357 10.76 -8.37 15.61
CA ASP B 357 11.51 -7.91 16.76
C ASP B 357 10.60 -7.88 17.98
N ILE B 358 9.38 -7.43 17.80
CA ILE B 358 8.44 -7.35 18.90
C ILE B 358 8.17 -8.70 19.50
N MET B 359 7.99 -9.68 18.65
CA MET B 359 7.71 -11.03 19.10
C MET B 359 8.93 -11.90 19.46
N CYS B 360 10.17 -11.30 19.47
CA CYS B 360 11.47 -11.90 19.78
C CYS B 360 11.83 -13.02 18.79
N ILE B 361 11.52 -12.79 17.53
CA ILE B 361 11.79 -13.66 16.42
C ILE B 361 12.94 -13.01 15.65
N PRO B 362 13.97 -13.74 15.24
CA PRO B 362 15.10 -13.20 14.51
C PRO B 362 14.61 -12.43 13.33
N TYR B 363 15.25 -11.31 13.06
CA TYR B 363 14.79 -10.44 12.03
C TYR B 363 15.90 -9.64 11.38
N CYS B 364 15.60 -8.98 10.24
CA CYS B 364 16.54 -8.14 9.51
C CYS B 364 16.55 -6.72 10.06
N ASN B 365 17.72 -6.25 10.42
CA ASN B 365 17.85 -4.87 10.84
C ASN B 365 18.63 -4.02 9.81
N TYR B 366 18.66 -4.47 8.52
CA TYR B 366 19.25 -3.81 7.36
C TYR B 366 20.72 -3.45 7.48
N SER B 367 21.50 -4.39 7.96
CA SER B 367 22.92 -4.20 8.16
C SER B 367 23.79 -4.95 7.16
N LYS B 368 23.89 -6.26 7.38
CA LYS B 368 24.71 -7.14 6.60
C LYS B 368 23.88 -8.06 5.78
N TYR B 369 24.42 -8.42 4.64
CA TYR B 369 23.80 -9.30 3.71
C TYR B 369 24.73 -10.42 3.33
N TRP B 370 24.18 -11.62 3.20
CA TRP B 370 25.00 -12.84 2.94
C TRP B 370 24.65 -13.43 1.57
N TYR B 371 25.65 -13.76 0.77
CA TYR B 371 25.43 -14.27 -0.57
C TYR B 371 26.36 -15.41 -0.88
N LEU B 372 25.97 -16.20 -1.86
CA LEU B 372 26.86 -17.24 -2.32
C LEU B 372 27.56 -16.81 -3.58
N ASN B 373 28.82 -17.27 -3.69
CA ASN B 373 29.73 -16.95 -4.81
C ASN B 373 30.34 -18.25 -5.34
N HIS B 374 30.00 -18.63 -6.58
CA HIS B 374 30.46 -19.88 -7.20
C HIS B 374 31.90 -19.69 -7.62
N THR B 375 32.75 -20.52 -7.06
CA THR B 375 34.17 -20.41 -7.25
C THR B 375 34.54 -20.56 -8.69
N THR B 376 35.56 -19.79 -9.08
CA THR B 376 36.17 -19.70 -10.40
C THR B 376 35.28 -19.05 -11.46
N THR B 377 33.99 -18.90 -11.20
CA THR B 377 33.12 -18.29 -12.18
C THR B 377 32.67 -16.93 -11.68
N GLY B 378 32.68 -16.77 -10.36
CA GLY B 378 32.28 -15.53 -9.73
C GLY B 378 30.79 -15.36 -9.82
N ARG B 379 30.05 -16.45 -9.86
CA ARG B 379 28.62 -16.27 -10.01
C ARG B 379 28.03 -15.99 -8.67
N THR B 380 27.23 -14.92 -8.58
CA THR B 380 26.71 -14.47 -7.25
C THR B 380 25.20 -14.63 -7.18
N SER B 381 24.68 -15.04 -6.02
CA SER B 381 23.28 -14.96 -5.71
C SER B 381 22.96 -13.54 -5.37
N LEU B 382 21.70 -13.18 -5.39
CA LEU B 382 21.36 -11.87 -4.91
C LEU B 382 21.51 -12.01 -3.40
N PRO B 383 22.13 -11.08 -2.67
CA PRO B 383 22.28 -11.15 -1.24
C PRO B 383 20.96 -11.17 -0.51
N LYS B 384 20.95 -11.89 0.61
CA LYS B 384 19.81 -11.94 1.56
C LYS B 384 20.28 -11.33 2.89
N CYS B 385 19.33 -10.80 3.67
CA CYS B 385 19.68 -10.16 4.94
C CYS B 385 20.08 -11.19 6.00
N TRP B 386 21.14 -10.83 6.73
CA TRP B 386 21.71 -11.64 7.85
C TRP B 386 20.98 -11.27 9.14
N LEU B 387 20.15 -12.19 9.65
CA LEU B 387 19.26 -11.90 10.77
C LEU B 387 19.98 -11.81 12.11
N VAL B 388 19.34 -11.04 13.00
CA VAL B 388 19.77 -10.85 14.38
C VAL B 388 18.67 -11.12 15.38
N SER B 389 19.09 -11.41 16.60
CA SER B 389 18.19 -11.55 17.74
C SER B 389 18.99 -11.37 19.04
N ASN B 390 18.34 -10.89 20.13
CA ASN B 390 18.91 -10.78 21.49
C ASN B 390 20.26 -10.02 21.50
N GLY B 391 20.38 -8.95 20.68
CA GLY B 391 21.56 -8.09 20.58
C GLY B 391 22.67 -8.61 19.66
N SER B 392 22.48 -9.73 18.96
CA SER B 392 23.56 -10.22 18.11
C SER B 392 23.12 -10.98 16.87
N TYR B 393 24.08 -11.29 16.02
CA TYR B 393 23.79 -12.00 14.80
C TYR B 393 23.64 -13.48 15.00
N LEU B 394 22.81 -14.07 14.16
CA LEU B 394 22.64 -15.51 14.20
C LEU B 394 23.76 -16.22 13.46
N ASN B 395 24.17 -17.42 13.92
CA ASN B 395 25.14 -18.25 13.24
C ASN B 395 24.53 -18.94 12.02
N GLU B 396 25.39 -19.23 11.03
CA GLU B 396 25.10 -19.92 9.76
C GLU B 396 24.65 -21.33 10.00
N THR B 397 24.84 -21.77 11.21
CA THR B 397 24.45 -23.06 11.65
C THR B 397 22.94 -23.09 11.82
N HIS B 398 22.37 -21.98 12.27
CA HIS B 398 20.94 -21.95 12.52
C HIS B 398 20.20 -21.90 11.24
N PHE B 399 20.81 -21.29 10.26
CA PHE B 399 20.16 -21.20 8.98
C PHE B 399 20.98 -21.86 7.89
N SER B 400 21.68 -22.92 8.27
CA SER B 400 22.50 -23.68 7.34
C SER B 400 21.67 -24.16 6.19
N ASP B 401 20.45 -24.57 6.52
CA ASP B 401 19.54 -25.10 5.55
C ASP B 401 19.18 -24.12 4.47
N ASP B 402 19.14 -22.83 4.80
CA ASP B 402 18.73 -21.86 3.84
C ASP B 402 19.90 -21.56 2.94
N ILE B 403 21.09 -21.67 3.51
CA ILE B 403 22.26 -21.41 2.74
C ILE B 403 22.35 -22.48 1.68
N GLU B 404 22.15 -23.71 2.09
CA GLU B 404 22.18 -24.77 1.12
C GLU B 404 21.05 -24.67 0.12
N GLN B 405 19.87 -24.21 0.53
CA GLN B 405 18.83 -24.10 -0.46
C GLN B 405 19.25 -23.15 -1.54
N GLN B 406 19.91 -22.06 -1.17
CA GLN B 406 20.31 -21.12 -2.18
C GLN B 406 21.36 -21.73 -3.09
N ALA B 407 22.26 -22.54 -2.53
CA ALA B 407 23.29 -23.15 -3.36
C ALA B 407 22.65 -24.04 -4.40
N ASP B 408 21.61 -24.77 -4.00
CA ASP B 408 20.93 -25.64 -4.93
C ASP B 408 20.14 -24.87 -5.94
N ASN B 409 19.64 -23.72 -5.55
CA ASN B 409 18.88 -22.97 -6.51
C ASN B 409 19.81 -22.51 -7.60
N MET B 410 21.03 -22.12 -7.22
CA MET B 410 21.99 -21.66 -8.21
C MET B 410 22.42 -22.80 -9.11
N ILE B 411 22.58 -23.99 -8.54
CA ILE B 411 23.00 -25.12 -9.35
C ILE B 411 21.94 -25.41 -10.37
N THR B 412 20.69 -25.41 -9.94
CA THR B 412 19.63 -25.70 -10.84
C THR B 412 19.61 -24.71 -11.96
N GLU B 413 19.73 -23.42 -11.67
CA GLU B 413 19.68 -22.50 -12.78
C GLU B 413 20.79 -22.76 -13.76
N MET B 414 21.98 -23.06 -13.27
CA MET B 414 23.09 -23.29 -14.17
C MET B 414 22.80 -24.45 -15.10
N LEU B 415 22.28 -25.54 -14.55
CA LEU B 415 22.02 -26.68 -15.38
C LEU B 415 20.90 -26.47 -16.36
N GLN B 416 19.85 -25.79 -15.93
CA GLN B 416 18.72 -25.62 -16.82
C GLN B 416 19.13 -24.79 -17.99
N LYS B 417 19.98 -23.81 -17.73
CA LYS B 417 20.45 -22.97 -18.80
C LYS B 417 21.28 -23.78 -19.74
N GLU B 418 22.16 -24.64 -19.22
CA GLU B 418 22.99 -25.40 -20.14
C GLU B 418 22.16 -26.28 -21.04
N TYR B 419 21.12 -26.86 -20.49
CA TYR B 419 20.30 -27.76 -21.26
C TYR B 419 19.53 -27.02 -22.34
N MET B 420 18.99 -25.85 -21.99
CA MET B 420 18.23 -25.13 -22.97
C MET B 420 19.12 -24.50 -24.03
N GLU B 421 20.34 -24.14 -23.65
CA GLU B 421 21.30 -23.57 -24.58
C GLU B 421 21.73 -24.65 -25.56
N ARG B 422 21.91 -25.86 -25.04
CA ARG B 422 22.26 -27.02 -25.85
C ARG B 422 21.17 -27.35 -26.90
N GLN B 423 19.86 -27.23 -26.51
CA GLN B 423 18.68 -27.42 -27.37
C GLN B 423 18.72 -26.43 -28.54
N SER C 60 10.38 0.09 -39.30
CA SER C 60 11.57 -0.10 -38.48
C SER C 60 11.51 -1.48 -37.79
N LEU C 61 12.33 -2.45 -38.28
CA LEU C 61 12.41 -3.83 -37.78
C LEU C 61 13.65 -4.07 -36.96
N TYR C 62 13.44 -4.48 -35.74
CA TYR C 62 14.49 -4.76 -34.81
C TYR C 62 14.81 -6.22 -34.86
N LYS C 63 16.09 -6.53 -34.88
CA LYS C 63 16.54 -7.90 -34.97
C LYS C 63 15.94 -8.56 -36.21
N GLY C 64 15.80 -7.80 -37.28
CA GLY C 64 15.28 -8.34 -38.53
C GLY C 64 13.75 -8.46 -38.63
N VAL C 65 13.11 -8.98 -37.59
CA VAL C 65 11.66 -9.23 -37.63
C VAL C 65 10.71 -8.46 -36.74
N TYR C 66 11.16 -7.65 -35.80
CA TYR C 66 10.19 -7.01 -34.93
C TYR C 66 9.88 -5.58 -35.25
N GLU C 67 8.67 -5.32 -35.69
CA GLU C 67 8.32 -3.98 -36.04
C GLU C 67 7.97 -3.22 -34.81
N LEU C 68 8.41 -1.99 -34.78
CA LEU C 68 8.01 -1.15 -33.68
C LEU C 68 6.76 -0.41 -34.06
N GLN C 69 5.71 -0.71 -33.32
CA GLN C 69 4.40 -0.16 -33.57
C GLN C 69 3.91 0.56 -32.34
N THR C 70 3.02 1.53 -32.54
CA THR C 70 2.58 2.44 -31.44
C THR C 70 1.07 2.31 -31.19
N LEU C 71 0.67 2.59 -29.96
CA LEU C 71 -0.70 2.71 -29.52
C LEU C 71 -0.94 3.97 -28.72
N GLU C 72 -2.07 4.64 -28.92
CA GLU C 72 -2.39 5.80 -28.09
C GLU C 72 -3.77 5.66 -27.48
N LEU C 73 -3.85 5.86 -26.16
CA LEU C 73 -5.12 5.65 -25.48
C LEU C 73 -6.05 6.84 -25.47
N ASN C 74 -7.34 6.55 -25.65
CA ASN C 74 -8.35 7.59 -25.54
C ASN C 74 -8.94 7.52 -24.15
N MET C 75 -8.57 8.43 -23.29
CA MET C 75 -9.04 8.35 -21.92
C MET C 75 -10.33 9.08 -21.70
N GLU C 76 -10.87 9.65 -22.76
CA GLU C 76 -12.08 10.43 -22.67
C GLU C 76 -13.26 9.54 -22.38
N THR C 77 -13.13 8.27 -22.67
CA THR C 77 -14.21 7.31 -22.53
C THR C 77 -14.44 6.98 -21.07
N LEU C 78 -13.52 7.42 -20.23
CA LEU C 78 -13.59 7.22 -18.80
C LEU C 78 -14.39 8.34 -18.06
N ASN C 79 -14.88 9.40 -18.80
CA ASN C 79 -15.57 10.59 -18.28
C ASN C 79 -16.82 10.30 -17.44
N MET C 80 -17.48 9.15 -17.67
CA MET C 80 -18.68 8.74 -16.96
C MET C 80 -18.43 8.22 -15.57
N THR C 81 -17.20 7.80 -15.27
CA THR C 81 -17.00 7.24 -13.96
C THR C 81 -16.00 8.00 -13.14
N MET C 82 -15.08 8.70 -13.76
CA MET C 82 -14.06 9.38 -12.97
C MET C 82 -13.74 10.72 -13.62
N PRO C 83 -13.39 11.75 -12.86
CA PRO C 83 -13.07 13.05 -13.38
C PRO C 83 -11.80 13.02 -14.15
N LEU C 84 -11.74 13.85 -15.17
CA LEU C 84 -10.51 13.93 -15.93
C LEU C 84 -9.91 15.30 -15.85
N SER C 85 -8.61 15.34 -15.70
CA SER C 85 -7.86 16.57 -15.63
C SER C 85 -7.28 16.86 -17.02
N CYS C 86 -7.45 18.09 -17.52
CA CYS C 86 -6.92 18.51 -18.83
C CYS C 86 -6.52 19.98 -18.68
N THR C 87 -5.42 20.39 -19.29
CA THR C 87 -5.02 21.78 -19.14
C THR C 87 -5.12 22.55 -20.42
N LYS C 88 -5.07 23.87 -20.31
CA LYS C 88 -5.01 24.72 -21.48
C LYS C 88 -3.68 25.47 -21.58
N ASN C 89 -3.21 26.03 -20.45
CA ASN C 89 -1.95 26.76 -20.32
C ASN C 89 -1.61 26.85 -18.83
N ASN C 90 -0.55 27.59 -18.46
CA ASN C 90 -0.08 27.70 -17.06
C ASN C 90 -1.04 28.45 -16.15
N SER C 91 -2.02 29.12 -16.73
CA SER C 91 -2.98 29.85 -15.93
C SER C 91 -4.27 29.08 -15.77
N HIS C 92 -4.49 28.04 -16.59
CA HIS C 92 -5.76 27.33 -16.56
C HIS C 92 -5.67 25.84 -16.66
N HIS C 93 -6.20 25.22 -15.62
CA HIS C 93 -6.32 23.78 -15.51
C HIS C 93 -7.80 23.48 -15.38
N TYR C 94 -8.30 22.47 -16.06
CA TYR C 94 -9.71 22.17 -15.98
C TYR C 94 -10.06 20.76 -15.61
N ILE C 95 -10.97 20.64 -14.66
CA ILE C 95 -11.41 19.33 -14.22
C ILE C 95 -12.80 19.08 -14.74
N MET C 96 -12.99 17.97 -15.41
CA MET C 96 -14.29 17.77 -16.02
C MET C 96 -15.03 16.54 -15.54
N VAL C 97 -16.34 16.69 -15.47
CA VAL C 97 -17.27 15.64 -15.07
C VAL C 97 -18.34 15.27 -16.12
N GLY C 98 -18.37 13.99 -16.44
CA GLY C 98 -19.33 13.47 -17.39
C GLY C 98 -19.08 14.18 -18.69
N ASN C 99 -20.14 14.69 -19.31
CA ASN C 99 -20.14 15.45 -20.57
C ASN C 99 -20.80 16.83 -20.41
N GLU C 100 -21.05 17.29 -19.15
CA GLU C 100 -21.78 18.53 -18.86
C GLU C 100 -21.07 19.59 -18.05
N THR C 101 -20.29 19.23 -17.04
CA THR C 101 -19.80 20.30 -16.19
C THR C 101 -18.36 20.11 -15.76
N GLY C 102 -17.89 21.01 -14.92
CA GLY C 102 -16.54 20.96 -14.45
C GLY C 102 -16.18 22.22 -13.70
N LEU C 103 -14.93 22.24 -13.25
CA LEU C 103 -14.39 23.33 -12.50
C LEU C 103 -13.12 23.86 -13.13
N GLU C 104 -13.01 25.16 -13.21
CA GLU C 104 -11.78 25.74 -13.70
C GLU C 104 -10.93 26.07 -12.53
N LEU C 105 -9.66 25.87 -12.69
CA LEU C 105 -8.71 26.26 -11.70
C LEU C 105 -7.84 27.31 -12.34
N THR C 106 -7.85 28.51 -11.81
CA THR C 106 -7.07 29.52 -12.48
C THR C 106 -6.24 30.42 -11.61
N LEU C 107 -5.15 30.84 -12.19
CA LEU C 107 -4.26 31.75 -11.51
C LEU C 107 -4.43 33.15 -12.01
N THR C 108 -4.76 34.02 -11.07
CA THR C 108 -5.02 35.42 -11.36
C THR C 108 -4.37 36.40 -10.37
N ASN C 109 -4.42 37.72 -10.70
CA ASN C 109 -4.03 38.84 -9.84
C ASN C 109 -5.27 39.69 -9.43
N THR C 110 -6.51 39.17 -9.63
CA THR C 110 -7.78 39.79 -9.29
C THR C 110 -8.56 38.89 -8.35
N SER C 111 -9.60 39.43 -7.76
CA SER C 111 -10.43 38.66 -6.86
C SER C 111 -11.86 38.55 -7.31
N ILE C 112 -12.51 37.52 -6.82
CA ILE C 112 -13.92 37.28 -7.02
C ILE C 112 -14.71 37.32 -5.73
N ILE C 113 -14.08 36.94 -4.63
CA ILE C 113 -14.72 36.89 -3.34
C ILE C 113 -14.17 37.96 -2.41
N ASN C 114 -15.09 38.75 -1.89
CA ASN C 114 -14.80 39.87 -1.00
C ASN C 114 -14.88 39.50 0.48
N HIS C 115 -15.05 38.24 0.72
CA HIS C 115 -15.15 37.68 2.03
C HIS C 115 -13.78 37.40 2.57
N LYS C 116 -13.71 37.35 3.89
CA LYS C 116 -12.49 37.01 4.62
C LYS C 116 -12.71 35.70 5.34
N PHE C 117 -13.70 34.96 4.88
CA PHE C 117 -14.15 33.71 5.43
C PHE C 117 -14.73 32.78 4.36
N CYS C 118 -14.75 31.46 4.66
CA CYS C 118 -15.27 30.41 3.79
C CYS C 118 -16.47 29.71 4.40
N ASN C 119 -17.60 29.86 3.73
CA ASN C 119 -18.81 29.20 4.19
C ASN C 119 -18.92 27.81 3.54
N LEU C 120 -17.92 26.91 3.81
CA LEU C 120 -17.85 25.56 3.22
C LEU C 120 -18.83 24.61 3.84
N SER C 121 -18.96 24.64 5.15
CA SER C 121 -19.87 23.67 5.76
C SER C 121 -21.31 24.04 5.43
N ASP C 122 -21.55 25.32 5.22
CA ASP C 122 -22.88 25.77 4.89
C ASP C 122 -23.25 25.33 3.50
N ALA C 123 -22.26 24.97 2.71
CA ALA C 123 -22.49 24.58 1.36
C ALA C 123 -23.17 23.23 1.33
N HIS C 124 -23.03 22.42 2.40
CA HIS C 124 -23.72 21.14 2.40
C HIS C 124 -24.91 21.23 3.33
N LYS C 125 -24.87 22.19 4.26
CA LYS C 125 -25.98 22.41 5.18
C LYS C 125 -27.17 22.76 4.33
N LYS C 126 -26.94 23.66 3.39
CA LYS C 126 -27.91 24.03 2.40
C LYS C 126 -27.91 22.84 1.48
N ASN C 127 -29.03 22.49 0.88
CA ASN C 127 -28.86 21.38 -0.03
C ASN C 127 -27.82 21.82 -1.03
N LEU C 128 -26.77 21.04 -1.13
CA LEU C 128 -25.68 21.38 -1.99
C LEU C 128 -26.03 21.24 -3.45
N TYR C 129 -25.25 21.90 -4.30
CA TYR C 129 -25.59 22.00 -5.75
C TYR C 129 -25.12 20.78 -6.56
N ASP C 130 -24.04 20.11 -6.15
CA ASP C 130 -23.63 18.84 -6.77
C ASP C 130 -22.66 18.10 -5.90
N HIS C 131 -23.03 16.91 -5.46
CA HIS C 131 -22.16 16.18 -4.55
C HIS C 131 -20.82 15.94 -5.19
N ALA C 132 -20.80 15.70 -6.49
CA ALA C 132 -19.52 15.44 -7.12
C ALA C 132 -18.61 16.63 -7.04
N LEU C 133 -19.14 17.81 -7.17
CA LEU C 133 -18.25 18.92 -7.23
C LEU C 133 -17.85 19.30 -5.86
N MET C 134 -18.76 19.12 -4.91
CA MET C 134 -18.40 19.49 -3.58
C MET C 134 -17.32 18.57 -3.09
N SER C 135 -17.40 17.31 -3.52
CA SER C 135 -16.44 16.32 -3.14
C SER C 135 -15.08 16.66 -3.70
N ILE C 136 -15.04 17.07 -4.96
CA ILE C 136 -13.76 17.42 -5.56
C ILE C 136 -13.15 18.62 -4.86
N ILE C 137 -13.95 19.64 -4.58
CA ILE C 137 -13.45 20.83 -3.94
C ILE C 137 -12.91 20.49 -2.58
N SER C 138 -13.66 19.69 -1.83
CA SER C 138 -13.24 19.31 -0.52
C SER C 138 -11.94 18.56 -0.61
N THR C 139 -11.82 17.65 -1.56
CA THR C 139 -10.60 16.88 -1.68
C THR C 139 -9.42 17.78 -1.87
N PHE C 140 -9.54 18.77 -2.75
CA PHE C 140 -8.43 19.66 -2.96
C PHE C 140 -8.06 20.30 -1.63
N HIS C 141 -9.05 20.84 -0.94
CA HIS C 141 -8.78 21.53 0.29
C HIS C 141 -8.14 20.64 1.34
N LEU C 142 -8.64 19.43 1.48
CA LEU C 142 -8.15 18.51 2.48
C LEU C 142 -6.70 18.15 2.24
N SER C 143 -6.32 18.08 0.97
CA SER C 143 -4.95 17.78 0.61
C SER C 143 -3.99 18.83 1.16
N ILE C 144 -4.41 20.08 1.13
CA ILE C 144 -3.54 21.16 1.55
C ILE C 144 -3.28 21.10 3.06
N PRO C 145 -2.02 21.07 3.54
CA PRO C 145 -1.71 21.07 4.95
C PRO C 145 -2.03 22.46 5.49
N ASN C 146 -2.64 22.56 6.69
CA ASN C 146 -3.00 23.84 7.35
C ASN C 146 -2.70 23.77 8.84
N TYR C 150 -4.11 27.43 9.71
CA TYR C 150 -4.15 28.33 8.55
C TYR C 150 -5.53 28.31 7.87
N GLU C 151 -6.12 29.51 7.65
CA GLU C 151 -7.43 29.72 7.00
C GLU C 151 -7.39 30.77 5.91
N ALA C 152 -6.38 30.73 5.02
CA ALA C 152 -6.28 31.74 3.96
C ALA C 152 -7.15 31.38 2.76
N MET C 153 -8.45 31.26 3.02
CA MET C 153 -9.45 30.89 2.03
C MET C 153 -10.78 31.56 2.25
N SER C 154 -11.37 32.01 1.17
CA SER C 154 -12.69 32.59 1.23
C SER C 154 -13.56 31.81 0.27
N CYS C 155 -14.86 31.60 0.60
CA CYS C 155 -15.77 30.80 -0.24
C CYS C 155 -17.14 31.40 -0.29
N ASP C 156 -17.76 31.29 -1.47
CA ASP C 156 -19.08 31.79 -1.69
C ASP C 156 -20.14 30.70 -1.69
N PHE C 157 -20.12 29.86 -2.71
CA PHE C 157 -21.13 28.80 -2.88
C PHE C 157 -22.58 29.27 -2.92
N ASN C 158 -22.87 30.47 -3.41
CA ASN C 158 -24.25 30.92 -3.42
C ASN C 158 -24.94 30.73 -4.76
N GLY C 159 -25.93 29.87 -4.78
CA GLY C 159 -26.62 29.56 -6.02
C GLY C 159 -25.92 28.41 -6.71
N GLY C 160 -26.22 28.22 -7.99
CA GLY C 160 -25.66 27.10 -8.77
C GLY C 160 -24.21 27.35 -9.10
N LYS C 161 -23.87 28.62 -9.31
CA LYS C 161 -22.46 29.01 -9.55
C LYS C 161 -21.66 28.88 -8.27
N ILE C 162 -20.87 27.82 -8.15
CA ILE C 162 -20.08 27.68 -6.96
C ILE C 162 -18.65 28.08 -7.22
N SER C 163 -18.10 28.84 -6.29
CA SER C 163 -16.73 29.26 -6.39
C SER C 163 -16.09 29.48 -5.02
N VAL C 164 -14.76 29.29 -5.04
CA VAL C 164 -13.79 29.41 -3.97
C VAL C 164 -12.56 30.19 -4.36
N GLN C 165 -12.03 31.00 -3.45
CA GLN C 165 -10.81 31.72 -3.73
C GLN C 165 -9.75 31.60 -2.63
N TYR C 166 -8.53 31.28 -3.02
CA TYR C 166 -7.43 31.23 -2.05
C TYR C 166 -6.55 32.46 -2.18
N ASN C 167 -6.11 32.99 -1.01
CA ASN C 167 -5.21 34.14 -0.90
C ASN C 167 -3.77 33.63 -0.77
N LEU C 168 -2.97 33.73 -1.87
CA LEU C 168 -1.63 33.16 -1.95
C LEU C 168 -0.63 34.17 -1.42
N SER C 169 -0.81 34.50 -0.17
CA SER C 169 -0.02 35.50 0.52
C SER C 169 1.14 34.92 1.30
N HIS C 170 2.23 35.66 1.34
CA HIS C 170 3.38 35.28 2.12
C HIS C 170 4.13 36.57 2.49
N SER C 171 5.02 36.50 3.50
CA SER C 171 5.89 37.61 3.94
C SER C 171 6.98 37.89 2.91
N ASN C 178 10.90 35.61 2.69
CA ASN C 178 11.08 34.20 2.36
C ASN C 178 9.72 33.49 2.48
N HIS C 179 9.29 32.83 1.40
CA HIS C 179 8.03 32.09 1.25
C HIS C 179 7.99 30.62 1.75
N CYS C 180 9.14 30.02 2.07
CA CYS C 180 9.25 28.59 2.36
C CYS C 180 8.43 28.16 3.58
N GLY C 181 7.51 27.22 3.35
CA GLY C 181 6.63 26.68 4.38
C GLY C 181 5.18 27.23 4.36
N THR C 182 4.90 28.28 3.59
CA THR C 182 3.53 28.81 3.58
C THR C 182 2.51 27.90 2.93
N VAL C 183 1.26 28.05 3.36
CA VAL C 183 0.17 27.30 2.76
C VAL C 183 -0.09 27.74 1.35
N ALA C 184 0.36 28.94 1.00
CA ALA C 184 0.23 29.39 -0.37
C ALA C 184 0.97 28.41 -1.28
N ASN C 185 2.06 27.80 -0.77
CA ASN C 185 2.82 26.89 -1.57
C ASN C 185 2.10 25.59 -1.56
N GLY C 186 1.49 25.24 -0.44
CA GLY C 186 0.77 23.99 -0.40
C GLY C 186 -0.28 24.00 -1.51
N VAL C 187 -0.90 25.16 -1.72
CA VAL C 187 -1.90 25.32 -2.76
C VAL C 187 -1.28 25.25 -4.13
N LEU C 188 -0.17 25.93 -4.34
CA LEU C 188 0.45 25.91 -5.65
C LEU C 188 0.94 24.51 -6.03
N GLN C 189 1.48 23.80 -5.08
CA GLN C 189 2.00 22.47 -5.30
C GLN C 189 0.88 21.50 -5.63
N THR C 190 -0.23 21.61 -4.91
CA THR C 190 -1.34 20.73 -5.16
C THR C 190 -1.92 21.04 -6.52
N PHE C 191 -2.02 22.32 -6.83
CA PHE C 191 -2.53 22.77 -8.11
C PHE C 191 -1.76 22.14 -9.23
N MET C 192 -0.44 22.21 -9.19
CA MET C 192 0.34 21.60 -10.25
C MET C 192 0.21 20.09 -10.27
N ARG C 193 0.14 19.47 -9.10
CA ARG C 193 0.05 18.03 -9.00
C ARG C 193 -1.22 17.50 -9.62
N MET C 194 -2.28 18.26 -9.51
CA MET C 194 -3.58 17.93 -10.03
C MET C 194 -3.64 17.84 -11.55
N ALA C 195 -2.70 18.47 -12.23
CA ALA C 195 -2.75 18.49 -13.67
C ALA C 195 -1.36 18.57 -14.24
N TRP C 196 -0.65 17.46 -14.31
CA TRP C 196 0.75 17.55 -14.69
C TRP C 196 0.91 18.21 -16.05
N GLY C 197 0.05 17.84 -17.00
CA GLY C 197 0.23 18.33 -18.34
C GLY C 197 1.61 17.82 -18.70
N GLY C 198 2.48 18.68 -19.21
CA GLY C 198 3.83 18.27 -19.53
C GLY C 198 4.81 18.93 -18.56
N SER C 199 4.26 19.64 -17.55
CA SER C 199 5.05 20.41 -16.58
C SER C 199 6.13 21.30 -17.22
N TYR C 200 5.80 21.97 -18.35
CA TYR C 200 6.71 22.80 -19.14
C TYR C 200 5.89 23.44 -20.24
N GLY C 206 12.73 25.55 -12.66
CA GLY C 206 13.83 25.19 -13.52
C GLY C 206 14.71 24.11 -12.88
N CYS C 207 14.07 22.95 -12.55
CA CYS C 207 14.62 21.74 -11.93
C CYS C 207 15.24 22.04 -10.56
N GLY C 208 14.62 22.95 -9.83
CA GLY C 208 15.07 23.27 -8.48
C GLY C 208 14.25 22.40 -7.58
N ASN C 209 14.27 22.63 -6.28
CA ASN C 209 13.45 21.78 -5.45
C ASN C 209 12.03 22.30 -5.55
N TRP C 210 11.07 21.40 -5.56
CA TRP C 210 9.65 21.76 -5.62
C TRP C 210 9.10 22.18 -4.27
N ASP C 211 9.82 21.81 -3.23
CA ASP C 211 9.42 21.97 -1.83
C ASP C 211 8.98 23.37 -1.36
N CYS C 212 9.71 24.41 -1.79
CA CYS C 212 9.50 25.82 -1.45
C CYS C 212 9.57 26.68 -2.71
N ILE C 213 8.45 26.72 -3.39
CA ILE C 213 8.29 27.41 -4.66
C ILE C 213 7.25 28.48 -4.55
N MET C 214 7.26 29.42 -5.48
CA MET C 214 6.30 30.50 -5.46
C MET C 214 6.00 30.95 -6.88
N THR C 215 4.83 31.52 -7.09
CA THR C 215 4.52 32.06 -8.40
C THR C 215 4.18 33.53 -8.34
N SER C 216 3.99 34.12 -9.50
CA SER C 216 3.69 35.54 -9.65
C SER C 216 2.24 35.92 -9.36
N TYR C 217 1.37 34.94 -9.36
CA TYR C 217 -0.04 35.20 -9.18
C TYR C 217 -0.38 35.30 -7.71
N GLN C 218 -1.24 36.26 -7.40
CA GLN C 218 -1.73 36.44 -6.02
C GLN C 218 -2.88 35.54 -5.61
N TYR C 219 -3.70 35.10 -6.55
CA TYR C 219 -4.85 34.33 -6.14
C TYR C 219 -5.13 33.08 -6.97
N LEU C 220 -5.73 32.11 -6.29
CA LEU C 220 -6.24 30.93 -6.99
C LEU C 220 -7.73 30.88 -6.95
N ILE C 221 -8.32 30.75 -8.11
CA ILE C 221 -9.76 30.65 -8.22
C ILE C 221 -10.24 29.32 -8.70
N ILE C 222 -11.18 28.79 -7.95
CA ILE C 222 -11.82 27.55 -8.31
C ILE C 222 -13.24 27.90 -8.64
N GLN C 223 -13.68 27.64 -9.86
CA GLN C 223 -15.05 28.03 -10.16
C GLN C 223 -15.81 27.11 -11.10
N ASN C 224 -17.12 26.95 -10.90
CA ASN C 224 -17.82 26.14 -11.93
C ASN C 224 -17.76 26.87 -13.26
N THR C 225 -17.87 26.03 -14.26
CA THR C 225 -17.78 26.32 -15.69
C THR C 225 -18.60 25.37 -16.53
N THR C 226 -18.49 25.52 -17.85
CA THR C 226 -19.26 24.70 -18.77
C THR C 226 -18.38 23.78 -19.59
N TRP C 227 -18.99 22.93 -20.40
CA TRP C 227 -18.23 21.94 -21.15
C TRP C 227 -17.65 22.43 -22.47
N GLU C 228 -16.65 23.30 -22.38
CA GLU C 228 -16.05 23.79 -23.61
C GLU C 228 -14.54 23.88 -23.57
N ASP C 229 -13.91 23.47 -24.65
CA ASP C 229 -12.46 23.61 -24.82
C ASP C 229 -11.62 23.07 -23.65
N HIS C 230 -10.67 23.89 -23.17
CA HIS C 230 -9.73 23.60 -22.08
C HIS C 230 -8.78 22.41 -22.26
N CYS C 231 -8.37 22.08 -23.51
CA CYS C 231 -7.45 21.00 -23.81
C CYS C 231 -6.44 21.38 -24.87
N GLN C 232 -5.34 21.89 -24.39
CA GLN C 232 -4.27 22.33 -25.23
C GLN C 232 -3.00 21.99 -24.48
N PHE C 233 -2.04 21.39 -25.17
CA PHE C 233 -0.79 20.92 -24.58
C PHE C 233 -1.04 19.76 -23.61
N SER C 234 -2.23 19.19 -23.69
CA SER C 234 -2.60 18.07 -22.85
C SER C 234 -3.83 17.38 -23.40
N ARG C 235 -4.15 16.23 -22.83
CA ARG C 235 -5.37 15.54 -23.16
C ARG C 235 -5.94 15.13 -21.83
N PRO C 236 -7.24 14.90 -21.71
CA PRO C 236 -7.86 14.50 -20.48
C PRO C 236 -7.23 13.24 -19.96
N SER C 237 -7.03 13.22 -18.65
CA SER C 237 -6.45 12.09 -17.97
C SER C 237 -6.94 11.97 -16.54
N PRO C 238 -7.25 10.79 -16.04
CA PRO C 238 -7.71 10.55 -14.70
C PRO C 238 -6.59 10.59 -13.68
N ILE C 239 -5.35 10.66 -14.16
CA ILE C 239 -4.22 10.52 -13.27
C ILE C 239 -4.14 11.58 -12.20
N GLY C 240 -4.43 12.84 -12.51
CA GLY C 240 -4.29 13.89 -11.51
C GLY C 240 -5.16 13.61 -10.29
N TYR C 241 -6.43 13.42 -10.53
CA TYR C 241 -7.35 13.17 -9.45
C TYR C 241 -6.98 11.93 -8.69
N LEU C 242 -6.69 10.86 -9.40
CA LEU C 242 -6.43 9.63 -8.72
C LEU C 242 -5.20 9.78 -7.86
N GLY C 243 -4.20 10.49 -8.33
CA GLY C 243 -2.99 10.67 -7.57
C GLY C 243 -3.24 11.34 -6.24
N LEU C 244 -4.21 12.25 -6.20
CA LEU C 244 -4.48 12.89 -4.94
C LEU C 244 -5.20 11.96 -4.01
N LEU C 245 -5.99 11.06 -4.56
CA LEU C 245 -6.69 10.14 -3.69
C LEU C 245 -5.68 9.22 -3.04
N SER C 246 -4.67 8.84 -3.82
CA SER C 246 -3.62 7.96 -3.31
C SER C 246 -2.84 8.58 -2.14
N GLN C 247 -2.57 9.91 -2.17
CA GLN C 247 -1.89 10.66 -1.14
C GLN C 247 -2.72 10.65 0.15
N GLY D 260 -10.32 -17.82 -19.48
CA GLY D 260 -10.26 -17.48 -18.06
C GLY D 260 -8.82 -17.40 -17.52
N THR D 261 -7.87 -16.88 -18.33
CA THR D 261 -6.44 -16.76 -18.00
C THR D 261 -6.10 -15.38 -17.49
N PHE D 262 -7.08 -14.52 -17.40
CA PHE D 262 -6.89 -13.17 -16.95
C PHE D 262 -7.48 -13.04 -15.57
N THR D 263 -6.66 -12.65 -14.61
CA THR D 263 -7.07 -12.48 -13.24
C THR D 263 -7.03 -10.99 -12.90
N TRP D 264 -6.32 -10.22 -13.73
CA TRP D 264 -6.14 -8.79 -13.57
C TRP D 264 -7.44 -8.01 -13.75
N THR D 265 -8.44 -8.64 -14.36
CA THR D 265 -9.73 -8.04 -14.67
C THR D 265 -10.62 -8.03 -13.44
N LEU D 266 -11.71 -7.27 -13.49
CA LEU D 266 -12.60 -7.28 -12.33
C LEU D 266 -13.57 -8.46 -12.37
N SER D 267 -14.25 -8.64 -13.49
CA SER D 267 -15.19 -9.73 -13.62
C SER D 267 -14.41 -10.91 -14.15
N ASP D 268 -14.98 -12.11 -14.10
CA ASP D 268 -14.31 -13.29 -14.64
C ASP D 268 -14.74 -13.75 -16.04
N SER D 269 -15.54 -12.94 -16.73
CA SER D 269 -16.04 -13.28 -18.05
C SER D 269 -15.17 -12.91 -19.25
N GLU D 270 -14.36 -11.87 -19.05
CA GLU D 270 -13.86 -11.04 -20.17
C GLU D 270 -13.15 -11.93 -21.18
N GLY D 271 -12.32 -12.87 -20.71
CA GLY D 271 -11.52 -13.69 -21.63
C GLY D 271 -12.32 -14.60 -22.54
N LYS D 272 -13.38 -15.23 -22.03
CA LYS D 272 -14.12 -16.25 -22.84
C LYS D 272 -14.80 -15.67 -24.09
N ASP D 273 -15.20 -14.40 -24.05
CA ASP D 273 -15.91 -13.71 -25.16
C ASP D 273 -15.04 -13.57 -26.40
N THR D 274 -14.04 -12.67 -26.38
CA THR D 274 -13.09 -12.55 -27.53
C THR D 274 -12.40 -13.91 -27.62
N PRO D 275 -11.97 -14.41 -28.79
CA PRO D 275 -11.44 -15.77 -28.88
C PRO D 275 -10.27 -15.93 -27.90
N GLY D 276 -9.40 -14.93 -27.81
CA GLY D 276 -8.29 -14.97 -26.83
C GLY D 276 -7.65 -13.59 -26.78
N GLY D 277 -6.75 -13.31 -25.83
CA GLY D 277 -6.21 -11.97 -25.94
C GLY D 277 -7.19 -10.98 -25.38
N TYR D 278 -6.91 -9.73 -25.65
CA TYR D 278 -7.75 -8.66 -25.15
C TYR D 278 -7.74 -7.61 -26.23
N CYS D 279 -8.91 -7.04 -26.54
CA CYS D 279 -9.09 -6.07 -27.62
C CYS D 279 -9.48 -4.70 -27.10
N LEU D 280 -8.97 -3.71 -27.80
CA LEU D 280 -9.29 -2.33 -27.57
C LEU D 280 -9.96 -1.81 -28.82
N THR D 281 -11.20 -1.41 -28.67
CA THR D 281 -11.97 -0.97 -29.81
C THR D 281 -11.60 0.39 -30.26
N ARG D 282 -12.18 0.78 -31.37
CA ARG D 282 -11.87 2.07 -31.97
C ARG D 282 -12.13 3.21 -31.03
N TRP D 283 -13.18 3.10 -30.26
CA TRP D 283 -13.57 4.17 -29.39
C TRP D 283 -12.58 4.40 -28.27
N MET D 284 -11.78 3.40 -27.97
CA MET D 284 -10.84 3.46 -26.89
C MET D 284 -9.49 3.96 -27.32
N LEU D 285 -9.32 4.17 -28.61
CA LEU D 285 -8.03 4.53 -29.14
C LEU D 285 -8.06 5.87 -29.83
N ILE D 286 -6.93 6.52 -29.88
CA ILE D 286 -6.86 7.75 -30.60
C ILE D 286 -6.31 7.56 -31.99
N GLU D 287 -7.10 7.98 -32.97
CA GLU D 287 -6.76 7.88 -34.37
C GLU D 287 -6.32 6.48 -34.75
N ALA D 288 -7.10 5.50 -34.32
CA ALA D 288 -6.76 4.13 -34.61
C ALA D 288 -8.00 3.28 -34.69
N GLU D 289 -7.88 2.18 -35.41
CA GLU D 289 -8.90 1.17 -35.55
C GLU D 289 -8.64 0.08 -34.54
N LEU D 290 -9.47 -0.93 -34.53
CA LEU D 290 -9.34 -2.01 -33.58
C LEU D 290 -8.00 -2.68 -33.56
N LYS D 291 -7.48 -2.85 -32.35
CA LYS D 291 -6.23 -3.55 -32.12
C LYS D 291 -6.46 -4.61 -31.04
N CYS D 292 -5.85 -5.79 -31.20
CA CYS D 292 -5.95 -6.90 -30.25
C CYS D 292 -4.56 -7.42 -29.95
N PHE D 293 -4.33 -7.72 -28.69
CA PHE D 293 -3.07 -8.26 -28.23
C PHE D 293 -3.21 -9.70 -27.84
N GLY D 294 -2.13 -10.46 -28.02
CA GLY D 294 -2.14 -11.88 -27.73
C GLY D 294 -2.38 -12.20 -26.27
N ASN D 295 -3.03 -13.34 -26.04
CA ASN D 295 -3.39 -13.78 -24.71
C ASN D 295 -2.21 -13.90 -23.80
N THR D 296 -1.11 -14.37 -24.34
CA THR D 296 0.05 -14.57 -23.52
C THR D 296 0.57 -13.27 -22.99
N ALA D 297 0.63 -12.26 -23.85
CA ALA D 297 1.16 -10.98 -23.41
C ALA D 297 0.22 -10.31 -22.43
N VAL D 298 -1.07 -10.41 -22.68
CA VAL D 298 -2.01 -9.71 -21.82
C VAL D 298 -1.96 -10.27 -20.43
N ALA D 299 -1.88 -11.59 -20.35
CA ALA D 299 -1.86 -12.31 -19.11
C ALA D 299 -0.65 -11.94 -18.26
N LYS D 300 0.35 -11.31 -18.85
CA LYS D 300 1.48 -10.93 -18.02
C LYS D 300 1.06 -9.99 -16.88
N CYS D 301 -0.03 -9.17 -17.07
CA CYS D 301 -0.57 -8.21 -16.12
C CYS D 301 -1.11 -8.90 -14.88
N ASN D 302 -1.24 -10.22 -14.93
CA ASN D 302 -1.71 -10.91 -13.76
C ASN D 302 -0.68 -10.87 -12.66
N GLU D 303 0.59 -10.89 -13.02
CA GLU D 303 1.64 -10.91 -12.03
C GLU D 303 2.46 -9.65 -12.00
N LYS D 304 2.54 -8.95 -13.11
CA LYS D 304 3.38 -7.78 -13.09
C LYS D 304 2.75 -6.78 -12.16
N HIS D 305 3.58 -6.15 -11.37
CA HIS D 305 3.13 -5.15 -10.44
C HIS D 305 3.92 -3.87 -10.63
N ASP D 306 4.47 -3.71 -11.83
CA ASP D 306 5.27 -2.57 -12.17
C ASP D 306 5.00 -1.98 -13.56
N GLU D 307 3.83 -2.21 -14.15
CA GLU D 307 3.61 -1.72 -15.51
C GLU D 307 2.45 -0.76 -15.69
N GLU D 308 2.77 0.42 -16.22
CA GLU D 308 1.77 1.46 -16.44
C GLU D 308 0.68 1.04 -17.38
N PHE D 309 1.05 0.28 -18.40
CA PHE D 309 0.04 -0.14 -19.35
C PHE D 309 -1.08 -0.94 -18.68
N CYS D 310 -0.72 -1.91 -17.80
CA CYS D 310 -1.62 -2.81 -17.09
C CYS D 310 -2.56 -2.00 -16.20
N ASP D 311 -2.06 -0.96 -15.54
CA ASP D 311 -3.03 -0.21 -14.76
C ASP D 311 -4.01 0.52 -15.66
N MET D 312 -3.56 1.04 -16.78
CA MET D 312 -4.53 1.72 -17.62
C MET D 312 -5.52 0.75 -18.19
N LEU D 313 -5.06 -0.45 -18.46
CA LEU D 313 -5.90 -1.44 -19.05
C LEU D 313 -6.99 -1.77 -18.05
N ARG D 314 -6.61 -1.88 -16.79
CA ARG D 314 -7.54 -2.18 -15.74
C ARG D 314 -8.58 -1.10 -15.58
N LEU D 315 -8.19 0.18 -15.71
CA LEU D 315 -9.21 1.22 -15.58
C LEU D 315 -10.23 1.11 -16.65
N PHE D 316 -9.82 0.76 -17.85
CA PHE D 316 -10.81 0.65 -18.89
C PHE D 316 -11.73 -0.50 -18.61
N ASP D 317 -11.19 -1.59 -18.06
CA ASP D 317 -12.02 -2.74 -17.77
C ASP D 317 -13.03 -2.37 -16.69
N PHE D 318 -12.57 -1.61 -15.70
CA PHE D 318 -13.45 -1.17 -14.65
C PHE D 318 -14.56 -0.33 -15.19
N ASN D 319 -14.21 0.63 -16.03
CA ASN D 319 -15.17 1.54 -16.59
C ASN D 319 -16.24 0.78 -17.34
N LYS D 320 -15.82 -0.21 -18.11
CA LYS D 320 -16.77 -1.00 -18.86
C LYS D 320 -17.73 -1.66 -17.91
N GLN D 321 -17.21 -2.25 -16.83
CA GLN D 321 -18.11 -2.90 -15.92
C GLN D 321 -19.01 -1.93 -15.22
N ALA D 322 -18.50 -0.79 -14.84
CA ALA D 322 -19.37 0.11 -14.12
C ALA D 322 -20.53 0.56 -14.97
N ILE D 323 -20.27 0.81 -16.24
CA ILE D 323 -21.33 1.27 -17.09
C ILE D 323 -22.34 0.19 -17.37
N GLN D 324 -21.87 -1.01 -17.67
CA GLN D 324 -22.76 -2.09 -17.98
C GLN D 324 -23.51 -2.64 -16.78
N ARG D 325 -22.85 -2.68 -15.63
CA ARG D 325 -23.42 -3.26 -14.43
C ARG D 325 -24.33 -2.31 -13.69
N LEU D 326 -24.00 -1.04 -13.65
CA LEU D 326 -24.84 -0.21 -12.84
C LEU D 326 -25.91 0.44 -13.66
N LYS D 327 -27.10 -0.09 -13.41
CA LYS D 327 -28.39 0.28 -14.01
C LYS D 327 -28.82 1.67 -13.56
N ALA D 328 -28.20 2.10 -12.48
CA ALA D 328 -28.43 3.35 -11.82
C ALA D 328 -28.11 4.49 -12.77
N PRO D 329 -28.71 5.68 -12.62
CA PRO D 329 -28.41 6.81 -13.46
C PRO D 329 -26.92 6.97 -13.44
N ALA D 330 -26.34 7.24 -14.60
CA ALA D 330 -24.90 7.32 -14.72
C ALA D 330 -24.32 8.63 -14.23
N GLN D 331 -24.37 8.80 -12.93
CA GLN D 331 -23.82 9.95 -12.28
C GLN D 331 -22.48 9.45 -11.84
N MET D 332 -21.49 10.30 -11.64
CA MET D 332 -20.31 9.64 -11.13
C MET D 332 -20.56 9.31 -9.71
N SER D 333 -20.23 8.10 -9.34
CA SER D 333 -20.25 7.81 -7.94
C SER D 333 -18.89 8.08 -7.49
N ILE D 334 -18.73 9.20 -6.84
CA ILE D 334 -17.41 9.58 -6.45
C ILE D 334 -16.99 8.66 -5.38
N GLN D 335 -17.92 8.30 -4.54
CA GLN D 335 -17.60 7.41 -3.47
C GLN D 335 -17.12 6.08 -4.04
N LEU D 336 -17.67 5.64 -5.17
CA LEU D 336 -17.25 4.37 -5.74
C LEU D 336 -15.83 4.44 -6.21
N ILE D 337 -15.46 5.54 -6.85
CA ILE D 337 -14.09 5.67 -7.31
C ILE D 337 -13.15 5.79 -6.16
N ASN D 338 -13.53 6.57 -5.17
CA ASN D 338 -12.64 6.77 -4.07
C ASN D 338 -12.41 5.47 -3.34
N LYS D 339 -13.41 4.61 -3.34
CA LYS D 339 -13.29 3.31 -2.74
C LYS D 339 -12.48 2.34 -3.61
N ALA D 340 -12.79 2.29 -4.91
CA ALA D 340 -12.19 1.36 -5.86
C ALA D 340 -10.74 1.63 -6.25
N VAL D 341 -10.31 2.89 -6.26
CA VAL D 341 -8.97 3.17 -6.73
C VAL D 341 -7.88 2.46 -5.99
N ASN D 342 -8.06 2.20 -4.72
CA ASN D 342 -7.03 1.57 -3.96
C ASN D 342 -6.76 0.17 -4.44
N ALA D 343 -7.75 -0.45 -5.04
CA ALA D 343 -7.65 -1.80 -5.51
C ALA D 343 -7.16 -1.87 -6.94
N LEU D 344 -7.46 -0.86 -7.70
CA LEU D 344 -7.19 -0.90 -9.11
C LEU D 344 -5.87 -0.27 -9.55
N ILE D 345 -5.38 0.71 -8.81
CA ILE D 345 -4.19 1.43 -9.22
C ILE D 345 -2.98 1.26 -8.34
N ASN D 346 -1.84 1.03 -8.98
CA ASN D 346 -0.61 0.93 -8.24
C ASN D 346 -0.07 2.32 -8.06
N ASP D 347 -0.19 2.82 -6.85
CA ASP D 347 0.15 4.19 -6.54
C ASP D 347 1.62 4.44 -6.65
N GLN D 348 2.39 3.38 -6.64
CA GLN D 348 3.81 3.56 -6.69
C GLN D 348 4.20 3.96 -8.09
N LEU D 349 3.44 3.52 -9.10
CA LEU D 349 3.79 3.91 -10.44
C LEU D 349 3.47 5.35 -10.59
N ILE D 350 2.40 5.75 -9.95
CA ILE D 350 1.99 7.11 -10.10
C ILE D 350 3.05 7.98 -9.46
N MET D 351 3.49 7.58 -8.29
CA MET D 351 4.47 8.39 -7.64
C MET D 351 5.82 8.36 -8.29
N LYS D 352 6.22 7.25 -8.91
CA LYS D 352 7.51 7.28 -9.55
C LYS D 352 7.49 8.20 -10.73
N ASN D 353 6.41 8.21 -11.48
CA ASN D 353 6.42 9.10 -12.62
C ASN D 353 6.34 10.53 -12.16
N HIS D 354 5.68 10.76 -11.05
CA HIS D 354 5.59 12.09 -10.51
C HIS D 354 6.98 12.52 -10.07
N LEU D 355 7.69 11.63 -9.40
CA LEU D 355 9.01 11.91 -8.91
C LEU D 355 9.99 12.16 -10.03
N ARG D 356 9.91 11.36 -11.08
CA ARG D 356 10.80 11.56 -12.18
C ARG D 356 10.54 12.92 -12.80
N ASP D 357 9.28 13.32 -12.89
CA ASP D 357 9.00 14.62 -13.46
C ASP D 357 9.61 15.71 -12.60
N ILE D 358 9.51 15.56 -11.29
CA ILE D 358 10.05 16.55 -10.38
C ILE D 358 11.53 16.69 -10.54
N MET D 359 12.21 15.58 -10.66
CA MET D 359 13.66 15.58 -10.80
C MET D 359 14.19 15.77 -12.24
N CYS D 360 13.30 16.06 -13.23
CA CYS D 360 13.55 16.30 -14.65
C CYS D 360 14.16 15.07 -15.34
N ILE D 361 13.65 13.91 -14.97
CA ILE D 361 14.01 12.62 -15.48
C ILE D 361 12.86 12.18 -16.38
N PRO D 362 13.09 11.67 -17.58
CA PRO D 362 12.04 11.23 -18.48
C PRO D 362 11.12 10.30 -17.77
N TYR D 363 9.83 10.44 -18.05
CA TYR D 363 8.86 9.67 -17.33
C TYR D 363 7.62 9.39 -18.15
N CYS D 364 6.75 8.47 -17.65
CA CYS D 364 5.49 8.11 -18.29
C CYS D 364 4.38 9.06 -17.86
N ASN D 365 3.72 9.64 -18.83
CA ASN D 365 2.56 10.47 -18.55
C ASN D 365 1.25 9.81 -19.02
N TYR D 366 1.25 8.46 -19.18
CA TYR D 366 0.12 7.59 -19.53
C TYR D 366 -0.60 7.95 -20.82
N SER D 367 0.17 8.19 -21.86
CA SER D 367 -0.35 8.58 -23.16
C SER D 367 -0.24 7.47 -24.21
N LYS D 368 0.98 7.30 -24.70
CA LYS D 368 1.30 6.37 -25.74
C LYS D 368 2.13 5.24 -25.22
N TYR D 369 1.94 4.10 -25.85
CA TYR D 369 2.63 2.91 -25.52
C TYR D 369 3.24 2.29 -26.75
N TRP D 370 4.47 1.76 -26.59
CA TRP D 370 5.24 1.23 -27.74
C TRP D 370 5.45 -0.27 -27.58
N TYR D 371 5.21 -1.05 -28.63
CA TYR D 371 5.32 -2.48 -28.58
C TYR D 371 5.99 -3.05 -29.80
N LEU D 372 6.50 -4.25 -29.66
CA LEU D 372 7.05 -4.91 -30.82
C LEU D 372 6.06 -5.91 -31.36
N ASN D 373 6.08 -6.05 -32.69
CA ASN D 373 5.18 -6.93 -33.46
C ASN D 373 6.01 -7.77 -34.43
N HIS D 374 6.07 -9.09 -34.22
CA HIS D 374 6.88 -10.00 -35.04
C HIS D 374 6.15 -10.22 -36.35
N THR D 375 6.83 -9.86 -37.41
CA THR D 375 6.26 -9.88 -38.73
C THR D 375 5.84 -11.26 -39.12
N THR D 376 4.72 -11.30 -39.85
CA THR D 376 4.05 -12.49 -40.40
C THR D 376 3.40 -13.38 -39.35
N THR D 377 3.72 -13.20 -38.08
CA THR D 377 3.12 -14.03 -37.06
C THR D 377 2.18 -13.19 -36.22
N GLY D 378 2.43 -11.89 -36.18
CA GLY D 378 1.63 -10.96 -35.42
C GLY D 378 1.88 -11.13 -33.95
N ARG D 379 3.06 -11.55 -33.58
CA ARG D 379 3.28 -11.78 -32.16
C ARG D 379 3.61 -10.47 -31.52
N THR D 380 2.90 -10.13 -30.45
CA THR D 380 3.06 -8.78 -29.82
C THR D 380 3.66 -8.91 -28.42
N SER D 381 4.55 -7.97 -28.06
CA SER D 381 4.99 -7.78 -26.69
C SER D 381 3.89 -7.06 -25.96
N LEU D 382 3.93 -7.09 -24.65
CA LEU D 382 2.98 -6.27 -23.94
C LEU D 382 3.54 -4.86 -24.13
N PRO D 383 2.75 -3.84 -24.44
CA PRO D 383 3.21 -2.49 -24.60
C PRO D 383 3.85 -1.91 -23.37
N LYS D 384 4.84 -1.06 -23.59
CA LYS D 384 5.51 -0.28 -22.52
C LYS D 384 5.25 1.21 -22.78
N CYS D 385 5.28 2.02 -21.72
CA CYS D 385 4.99 3.46 -21.87
C CYS D 385 6.13 4.18 -22.57
N TRP D 386 5.73 5.09 -23.47
CA TRP D 386 6.63 5.95 -24.27
C TRP D 386 6.92 7.23 -23.47
N LEU D 387 8.15 7.37 -22.96
CA LEU D 387 8.49 8.45 -22.04
C LEU D 387 8.62 9.80 -22.69
N VAL D 388 8.38 10.82 -21.85
CA VAL D 388 8.51 12.22 -22.21
C VAL D 388 9.39 13.00 -21.26
N SER D 389 9.91 14.11 -21.75
CA SER D 389 10.65 15.08 -20.94
C SER D 389 10.65 16.43 -21.65
N ASN D 390 10.75 17.56 -20.89
CA ASN D 390 10.90 18.93 -21.41
C ASN D 390 9.82 19.29 -22.47
N GLY D 391 8.56 18.83 -22.24
CA GLY D 391 7.41 19.10 -23.11
C GLY D 391 7.27 18.17 -24.32
N SER D 392 8.13 17.16 -24.47
CA SER D 392 7.99 16.31 -25.65
C SER D 392 8.43 14.86 -25.46
N TYR D 393 8.16 14.05 -26.46
CA TYR D 393 8.51 12.65 -26.40
C TYR D 393 9.95 12.38 -26.70
N LEU D 394 10.48 11.34 -26.09
CA LEU D 394 11.84 10.93 -26.37
C LEU D 394 11.91 10.11 -27.65
N ASN D 395 13.03 10.23 -28.40
CA ASN D 395 13.29 9.43 -29.58
C ASN D 395 13.71 8.01 -29.20
N GLU D 396 13.42 7.06 -30.11
CA GLU D 396 13.72 5.63 -30.04
C GLU D 396 15.21 5.39 -30.03
N THR D 397 15.93 6.43 -30.36
CA THR D 397 17.35 6.43 -30.38
C THR D 397 17.86 6.45 -28.96
N HIS D 398 17.17 7.15 -28.07
CA HIS D 398 17.63 7.27 -26.70
C HIS D 398 17.42 6.00 -25.98
N PHE D 399 16.38 5.30 -26.36
CA PHE D 399 16.09 4.06 -25.71
C PHE D 399 16.11 2.91 -26.69
N SER D 400 16.99 3.01 -27.69
CA SER D 400 17.14 1.98 -28.69
C SER D 400 17.47 0.67 -28.04
N ASP D 401 18.29 0.74 -27.01
CA ASP D 401 18.74 -0.42 -26.28
C ASP D 401 17.61 -1.18 -25.65
N ASP D 402 16.58 -0.49 -25.22
CA ASP D 402 15.51 -1.15 -24.53
C ASP D 402 14.62 -1.81 -25.54
N ILE D 403 14.55 -1.20 -26.71
CA ILE D 403 13.72 -1.75 -27.75
C ILE D 403 14.34 -3.06 -28.15
N GLU D 404 15.65 -3.06 -28.33
CA GLU D 404 16.31 -4.29 -28.68
C GLU D 404 16.22 -5.31 -27.58
N GLN D 405 16.28 -4.90 -26.31
CA GLN D 405 16.18 -5.90 -25.28
C GLN D 405 14.85 -6.61 -25.38
N GLN D 406 13.79 -5.87 -25.68
CA GLN D 406 12.52 -6.52 -25.77
C GLN D 406 12.48 -7.47 -26.96
N ALA D 407 13.12 -7.10 -28.06
CA ALA D 407 13.11 -7.97 -29.22
C ALA D 407 13.78 -9.28 -28.88
N ASP D 408 14.87 -9.21 -28.12
CA ASP D 408 15.57 -10.41 -27.73
C ASP D 408 14.79 -11.22 -26.74
N ASN D 409 14.02 -10.56 -25.91
CA ASN D 409 13.27 -11.31 -24.95
C ASN D 409 12.23 -12.13 -25.70
N MET D 410 11.64 -11.54 -26.74
CA MET D 410 10.65 -12.26 -27.51
C MET D 410 11.26 -13.42 -28.26
N ILE D 411 12.47 -13.22 -28.77
CA ILE D 411 13.13 -14.27 -29.52
C ILE D 411 13.38 -15.43 -28.60
N THR D 412 13.88 -15.12 -27.41
CA THR D 412 14.18 -16.16 -26.48
C THR D 412 12.94 -16.94 -26.15
N GLU D 413 11.83 -16.27 -25.88
CA GLU D 413 10.67 -17.06 -25.54
C GLU D 413 10.27 -17.97 -26.67
N MET D 414 10.35 -17.48 -27.90
CA MET D 414 9.96 -18.31 -29.01
C MET D 414 10.80 -19.56 -29.09
N LEU D 415 12.10 -19.42 -28.93
CA LEU D 415 12.96 -20.57 -29.03
C LEU D 415 12.78 -21.53 -27.89
N GLN D 416 12.61 -21.02 -26.69
CA GLN D 416 12.51 -21.91 -25.55
C GLN D 416 11.27 -22.74 -25.68
N LYS D 417 10.22 -22.13 -26.20
CA LYS D 417 9.00 -22.85 -26.38
C LYS D 417 9.19 -23.91 -27.42
N GLU D 418 9.87 -23.60 -28.52
CA GLU D 418 10.03 -24.62 -29.54
C GLU D 418 10.79 -25.81 -29.02
N TYR D 419 11.80 -25.56 -28.19
CA TYR D 419 12.60 -26.63 -27.68
C TYR D 419 11.83 -27.49 -26.73
N MET D 420 11.04 -26.87 -25.86
CA MET D 420 10.30 -27.66 -24.91
C MET D 420 9.15 -28.40 -25.56
N GLU D 421 8.58 -27.82 -26.61
CA GLU D 421 7.50 -28.45 -27.34
C GLU D 421 8.05 -29.66 -28.08
N ARG D 422 9.25 -29.51 -28.63
CA ARG D 422 9.95 -30.59 -29.31
C ARG D 422 10.23 -31.78 -28.37
N GLN D 423 10.63 -31.50 -27.08
CA GLN D 423 10.88 -32.48 -26.02
C GLN D 423 9.60 -33.29 -25.74
N SER E 60 -15.29 -36.40 -9.66
CA SER E 60 -15.22 -35.58 -10.85
C SER E 60 -13.73 -35.33 -11.20
N LEU E 61 -13.25 -36.01 -12.30
CA LEU E 61 -11.87 -35.94 -12.80
C LEU E 61 -11.76 -35.12 -14.05
N TYR E 62 -10.95 -34.10 -13.98
CA TYR E 62 -10.70 -33.20 -15.06
C TYR E 62 -9.49 -33.67 -15.81
N LYS E 63 -9.60 -33.66 -17.13
CA LYS E 63 -8.52 -34.11 -17.97
C LYS E 63 -8.13 -35.54 -17.60
N GLY E 64 -9.11 -36.34 -17.24
CA GLY E 64 -8.86 -37.73 -16.90
C GLY E 64 -8.34 -38.00 -15.48
N VAL E 65 -7.36 -37.23 -15.02
CA VAL E 65 -6.71 -37.46 -13.73
C VAL E 65 -6.85 -36.48 -12.59
N TYR E 66 -7.43 -35.30 -12.78
CA TYR E 66 -7.45 -34.37 -11.66
C TYR E 66 -8.76 -34.29 -10.93
N GLU E 67 -8.78 -34.73 -9.70
CA GLU E 67 -10.00 -34.69 -8.95
C GLU E 67 -10.21 -33.34 -8.38
N LEU E 68 -11.43 -32.90 -8.44
CA LEU E 68 -11.74 -31.64 -7.80
C LEU E 68 -12.16 -31.90 -6.38
N GLN E 69 -11.36 -31.37 -5.48
CA GLN E 69 -11.54 -31.57 -4.06
C GLN E 69 -11.68 -30.22 -3.39
N THR E 70 -12.35 -30.21 -2.23
CA THR E 70 -12.72 -28.93 -1.55
C THR E 70 -12.07 -28.86 -0.16
N LEU E 71 -11.83 -27.65 0.30
CA LEU E 71 -11.41 -27.33 1.65
C LEU E 71 -12.21 -26.21 2.26
N GLU E 72 -12.56 -26.31 3.54
CA GLU E 72 -13.26 -25.21 4.19
C GLU E 72 -12.54 -24.78 5.46
N LEU E 73 -12.29 -23.47 5.59
CA LEU E 73 -11.52 -23.01 6.73
C LEU E 73 -12.31 -22.72 7.98
N ASN E 74 -11.75 -23.10 9.12
CA ASN E 74 -12.35 -22.78 10.40
C ASN E 74 -11.68 -21.53 10.93
N MET E 75 -12.35 -20.41 10.86
CA MET E 75 -11.71 -19.17 11.27
C MET E 75 -11.93 -18.87 12.72
N GLU E 76 -12.62 -19.75 13.41
CA GLU E 76 -12.94 -19.55 14.80
C GLU E 76 -11.71 -19.65 15.66
N THR E 77 -10.68 -20.28 15.15
CA THR E 77 -9.46 -20.52 15.89
C THR E 77 -8.64 -19.26 15.99
N LEU E 78 -9.05 -18.25 15.25
CA LEU E 78 -8.39 -16.95 15.25
C LEU E 78 -8.95 -15.99 16.35
N ASN E 79 -9.99 -16.42 17.14
CA ASN E 79 -10.71 -15.64 18.15
C ASN E 79 -9.82 -15.03 19.25
N MET E 80 -8.66 -15.65 19.53
CA MET E 80 -7.73 -15.22 20.55
C MET E 80 -6.89 -14.02 20.14
N THR E 81 -6.77 -13.75 18.84
CA THR E 81 -5.93 -12.65 18.48
C THR E 81 -6.64 -11.55 17.75
N MET E 82 -7.75 -11.85 17.08
CA MET E 82 -8.41 -10.80 16.32
C MET E 82 -9.91 -11.00 16.43
N PRO E 83 -10.72 -9.94 16.41
CA PRO E 83 -12.15 -10.03 16.50
C PRO E 83 -12.73 -10.65 15.28
N LEU E 84 -13.81 -11.36 15.48
CA LEU E 84 -14.48 -11.96 14.35
C LEU E 84 -15.87 -11.42 14.18
N SER E 85 -16.23 -11.14 12.96
CA SER E 85 -17.55 -10.65 12.62
C SER E 85 -18.41 -11.83 12.17
N CYS E 86 -19.64 -11.96 12.70
CA CYS E 86 -20.57 -13.02 12.33
C CYS E 86 -21.97 -12.42 12.40
N THR E 87 -22.85 -12.78 11.48
CA THR E 87 -24.18 -12.19 11.52
C THR E 87 -25.24 -13.18 11.86
N LYS E 88 -26.41 -12.68 12.22
CA LYS E 88 -27.57 -13.54 12.42
C LYS E 88 -28.67 -13.29 11.39
N ASN E 89 -28.96 -12.00 11.10
CA ASN E 89 -29.95 -11.55 10.13
C ASN E 89 -29.66 -10.08 9.82
N ASN E 90 -30.53 -9.41 9.03
CA ASN E 90 -30.33 -8.01 8.62
C ASN E 90 -30.45 -7.00 9.75
N SER E 91 -30.94 -7.44 10.89
CA SER E 91 -31.09 -6.55 12.03
C SER E 91 -29.96 -6.74 13.02
N HIS E 92 -29.21 -7.86 12.91
CA HIS E 92 -28.18 -8.15 13.90
C HIS E 92 -26.90 -8.68 13.37
N HIS E 93 -25.86 -7.93 13.68
CA HIS E 93 -24.49 -8.26 13.36
C HIS E 93 -23.74 -8.35 14.67
N TYR E 94 -22.90 -9.34 14.84
CA TYR E 94 -22.19 -9.49 16.09
C TYR E 94 -20.68 -9.59 16.00
N ILE E 95 -20.02 -8.79 16.81
CA ILE E 95 -18.57 -8.81 16.84
C ILE E 95 -18.11 -9.50 18.09
N MET E 96 -17.25 -10.49 17.94
CA MET E 96 -16.88 -11.24 19.11
C MET E 96 -15.41 -11.22 19.44
N VAL E 97 -15.13 -11.22 20.74
CA VAL E 97 -13.79 -11.24 21.30
C VAL E 97 -13.47 -12.44 22.21
N GLY E 98 -12.39 -13.13 21.86
CA GLY E 98 -11.95 -14.27 22.62
C GLY E 98 -13.06 -15.28 22.60
N ASN E 99 -13.40 -15.81 23.76
CA ASN E 99 -14.48 -16.78 23.99
C ASN E 99 -15.49 -16.27 25.05
N GLU E 100 -15.45 -14.96 25.42
CA GLU E 100 -16.26 -14.39 26.49
C GLU E 100 -17.19 -13.24 26.14
N THR E 101 -16.77 -12.31 25.27
CA THR E 101 -17.62 -11.14 25.12
C THR E 101 -17.73 -10.66 23.71
N GLY E 102 -18.41 -9.56 23.53
CA GLY E 102 -18.62 -9.00 22.22
C GLY E 102 -19.64 -7.89 22.25
N LEU E 103 -19.88 -7.34 21.07
CA LEU E 103 -20.79 -6.25 20.89
C LEU E 103 -21.83 -6.58 19.85
N GLU E 104 -23.07 -6.26 20.14
CA GLU E 104 -24.11 -6.45 19.15
C GLU E 104 -24.29 -5.16 18.43
N LEU E 105 -24.53 -5.25 17.16
CA LEU E 105 -24.85 -4.10 16.36
C LEU E 105 -26.25 -4.33 15.87
N THR E 106 -27.17 -3.47 16.23
CA THR E 106 -28.52 -3.74 15.80
C THR E 106 -29.31 -2.58 15.29
N LEU E 107 -30.19 -2.90 14.37
CA LEU E 107 -31.05 -1.90 13.80
C LEU E 107 -32.43 -1.98 14.39
N THR E 108 -32.84 -0.85 14.96
CA THR E 108 -34.12 -0.74 15.64
C THR E 108 -34.88 0.55 15.32
N ASN E 109 -36.15 0.62 15.77
CA ASN E 109 -37.02 1.81 15.74
C ASN E 109 -37.31 2.33 17.18
N THR E 110 -36.53 1.89 18.19
CA THR E 110 -36.62 2.27 19.60
C THR E 110 -35.29 2.83 20.06
N SER E 111 -35.29 3.46 21.21
CA SER E 111 -34.07 4.02 21.76
C SER E 111 -33.69 3.43 23.09
N ILE E 112 -32.42 3.53 23.39
CA ILE E 112 -31.86 3.14 24.67
C ILE E 112 -31.26 4.31 25.42
N ILE E 113 -30.76 5.30 24.70
CA ILE E 113 -30.12 6.44 25.29
C ILE E 113 -30.96 7.70 25.09
N ASN E 114 -31.25 8.34 26.20
CA ASN E 114 -32.07 9.56 26.26
C ASN E 114 -31.26 10.84 26.22
N HIS E 115 -29.99 10.68 25.99
CA HIS E 115 -29.05 11.76 25.92
C HIS E 115 -29.03 12.31 24.52
N LYS E 116 -28.60 13.55 24.42
CA LYS E 116 -28.41 14.25 23.17
C LYS E 116 -26.94 14.53 22.96
N PHE E 117 -26.13 13.78 23.69
CA PHE E 117 -24.70 13.90 23.73
C PHE E 117 -24.02 12.56 24.01
N CYS E 118 -22.71 12.45 23.62
CA CYS E 118 -21.89 11.26 23.79
C CYS E 118 -20.71 11.52 24.73
N ASN E 119 -20.73 10.83 25.85
CA ASN E 119 -19.64 10.96 26.80
C ASN E 119 -18.55 9.92 26.48
N LEU E 120 -17.94 10.01 25.25
CA LEU E 120 -16.93 9.04 24.78
C LEU E 120 -15.58 9.26 25.42
N SER E 121 -15.17 10.50 25.55
CA SER E 121 -13.84 10.72 26.12
C SER E 121 -13.85 10.39 27.59
N ASP E 122 -15.01 10.54 28.22
CA ASP E 122 -15.13 10.24 29.63
C ASP E 122 -15.06 8.76 29.86
N ALA E 123 -15.26 7.99 28.80
CA ALA E 123 -15.27 6.56 28.91
C ALA E 123 -13.86 6.07 29.14
N HIS E 124 -12.83 6.86 28.76
CA HIS E 124 -11.47 6.42 29.03
C HIS E 124 -10.91 7.23 30.18
N LYS E 125 -11.51 8.40 30.43
CA LYS E 125 -11.11 9.24 31.54
C LYS E 125 -11.33 8.42 32.80
N LYS E 126 -12.52 7.82 32.85
CA LYS E 126 -12.86 6.90 33.89
C LYS E 126 -12.08 5.68 33.54
N ASN E 127 -11.61 4.90 34.50
CA ASN E 127 -10.95 3.72 34.00
C ASN E 127 -11.95 3.00 33.16
N LEU E 128 -11.58 2.76 31.92
CA LEU E 128 -12.48 2.14 30.99
C LEU E 128 -12.69 0.69 31.28
N TYR E 129 -13.79 0.14 30.74
CA TYR E 129 -14.23 -1.24 31.11
C TYR E 129 -13.51 -2.33 30.30
N ASP E 130 -13.09 -2.04 29.06
CA ASP E 130 -12.26 -2.97 28.29
C ASP E 130 -11.60 -2.27 27.13
N HIS E 131 -10.28 -2.24 27.12
CA HIS E 131 -9.59 -1.51 26.06
C HIS E 131 -9.96 -2.07 24.72
N ALA E 132 -10.16 -3.38 24.64
CA ALA E 132 -10.48 -3.94 23.34
C ALA E 132 -11.80 -3.43 22.83
N LEU E 133 -12.75 -3.25 23.71
CA LEU E 133 -14.05 -2.90 23.19
C LEU E 133 -14.08 -1.44 22.92
N MET E 134 -13.36 -0.68 23.73
CA MET E 134 -13.39 0.73 23.49
C MET E 134 -12.71 1.01 22.18
N SER E 135 -11.68 0.23 21.87
CA SER E 135 -10.95 0.38 20.65
C SER E 135 -11.83 0.08 19.46
N ILE E 136 -12.60 -0.99 19.55
CA ILE E 136 -13.47 -1.36 18.45
C ILE E 136 -14.53 -0.28 18.23
N ILE E 137 -15.12 0.22 19.30
CA ILE E 137 -16.15 1.23 19.18
C ILE E 137 -15.58 2.48 18.56
N SER E 138 -14.41 2.88 19.02
CA SER E 138 -13.77 4.05 18.50
C SER E 138 -13.51 3.86 17.04
N THR E 139 -13.01 2.69 16.64
CA THR E 139 -12.70 2.46 15.26
C THR E 139 -13.92 2.65 14.40
N PHE E 140 -15.05 2.09 14.83
CA PHE E 140 -16.25 2.27 14.04
C PHE E 140 -16.53 3.75 13.87
N HIS E 141 -16.51 4.48 14.98
CA HIS E 141 -16.84 5.88 14.92
C HIS E 141 -15.89 6.68 14.04
N LEU E 142 -14.60 6.40 14.14
CA LEU E 142 -13.60 7.12 13.39
C LEU E 142 -13.78 6.91 11.91
N SER E 143 -14.21 5.73 11.53
CA SER E 143 -14.45 5.41 10.13
C SER E 143 -15.51 6.33 9.54
N ILE E 144 -16.54 6.64 10.32
CA ILE E 144 -17.64 7.44 9.81
C ILE E 144 -17.19 8.88 9.54
N PRO E 145 -17.38 9.43 8.34
CA PRO E 145 -17.04 10.80 8.03
C PRO E 145 -18.03 11.70 8.76
N ASN E 146 -17.57 12.82 9.36
CA ASN E 146 -18.42 13.79 10.09
C ASN E 146 -17.97 15.21 9.77
N TYR E 150 -20.62 17.00 12.23
CA TYR E 150 -21.78 16.17 12.54
C TYR E 150 -21.56 15.39 13.86
N GLU E 151 -22.54 15.48 14.79
CA GLU E 151 -22.55 14.81 16.10
C GLU E 151 -23.86 14.08 16.39
N ALA E 152 -24.39 13.33 15.42
CA ALA E 152 -25.67 12.62 15.64
C ALA E 152 -25.45 11.29 16.37
N MET E 153 -24.89 11.38 17.56
CA MET E 153 -24.56 10.25 18.41
C MET E 153 -24.72 10.54 19.88
N SER E 154 -25.29 9.59 20.58
CA SER E 154 -25.41 9.70 22.02
C SER E 154 -24.75 8.47 22.62
N CYS E 155 -24.09 8.61 23.79
CA CYS E 155 -23.34 7.50 24.42
C CYS E 155 -23.52 7.50 25.91
N ASP E 156 -23.59 6.30 26.46
CA ASP E 156 -23.72 6.11 27.88
C ASP E 156 -22.43 5.70 28.55
N PHE E 157 -22.00 4.47 28.28
CA PHE E 157 -20.81 3.91 28.92
C PHE E 157 -20.81 3.88 30.45
N ASN E 158 -21.96 3.74 31.09
CA ASN E 158 -21.97 3.75 32.54
C ASN E 158 -22.01 2.35 33.15
N GLY E 159 -20.95 1.99 33.83
CA GLY E 159 -20.85 0.66 34.40
C GLY E 159 -20.24 -0.28 33.38
N GLY E 160 -20.37 -1.58 33.63
CA GLY E 160 -19.77 -2.60 32.75
C GLY E 160 -20.51 -2.71 31.44
N LYS E 161 -21.84 -2.51 31.52
CA LYS E 161 -22.67 -2.49 30.29
C LYS E 161 -22.38 -1.24 29.48
N ILE E 162 -21.61 -1.36 28.40
CA ILE E 162 -21.35 -0.21 27.61
C ILE E 162 -22.21 -0.21 26.37
N SER E 163 -22.76 0.96 26.06
CA SER E 163 -23.58 1.11 24.88
C SER E 163 -23.54 2.53 24.35
N VAL E 164 -23.76 2.57 23.03
CA VAL E 164 -23.82 3.73 22.12
C VAL E 164 -25.02 3.68 21.19
N GLN E 165 -25.62 4.84 20.93
CA GLN E 165 -26.71 4.90 19.98
C GLN E 165 -26.57 6.00 18.93
N TYR E 166 -26.75 5.65 17.68
CA TYR E 166 -26.73 6.65 16.62
C TYR E 166 -28.15 6.97 16.15
N ASN E 167 -28.39 8.28 15.89
CA ASN E 167 -29.66 8.82 15.37
C ASN E 167 -29.58 8.90 13.85
N LEU E 168 -30.24 7.96 13.14
CA LEU E 168 -30.14 7.84 11.67
C LEU E 168 -31.18 8.73 11.03
N SER E 169 -31.04 10.01 11.29
CA SER E 169 -31.96 11.03 10.85
C SER E 169 -31.52 11.70 9.57
N HIS E 170 -32.50 12.06 8.76
CA HIS E 170 -32.25 12.79 7.53
C HIS E 170 -33.53 13.59 7.21
N SER E 171 -33.42 14.61 6.33
CA SER E 171 -34.52 15.44 5.85
C SER E 171 -35.42 14.64 4.90
N ASN E 178 -34.57 14.10 0.47
CA ASN E 178 -33.45 13.39 -0.13
C ASN E 178 -32.37 13.17 0.95
N HIS E 179 -31.99 11.91 1.16
CA HIS E 179 -30.98 11.43 2.14
C HIS E 179 -29.50 11.47 1.72
N CYS E 180 -29.18 11.71 0.44
CA CYS E 180 -27.84 11.55 -0.09
C CYS E 180 -26.83 12.52 0.55
N GLY E 181 -25.78 11.94 1.13
CA GLY E 181 -24.72 12.67 1.81
C GLY E 181 -24.80 12.70 3.35
N THR E 182 -25.91 12.25 3.95
CA THR E 182 -25.98 12.27 5.42
C THR E 182 -25.07 11.29 6.11
N VAL E 183 -24.70 11.63 7.34
CA VAL E 183 -23.89 10.74 8.16
C VAL E 183 -24.66 9.50 8.54
N ALA E 184 -25.98 9.57 8.48
CA ALA E 184 -26.77 8.39 8.75
C ALA E 184 -26.39 7.30 7.75
N ASN E 185 -25.99 7.70 6.53
CA ASN E 185 -25.64 6.74 5.52
C ASN E 185 -24.26 6.30 5.82
N GLY E 186 -23.42 7.21 6.28
CA GLY E 186 -22.06 6.81 6.59
C GLY E 186 -22.11 5.67 7.59
N VAL E 187 -23.04 5.75 8.54
CA VAL E 187 -23.21 4.73 9.54
C VAL E 187 -23.76 3.45 8.95
N LEU E 188 -24.77 3.55 8.10
CA LEU E 188 -25.34 2.36 7.49
C LEU E 188 -24.33 1.62 6.62
N GLN E 189 -23.54 2.36 5.87
CA GLN E 189 -22.56 1.80 4.98
C GLN E 189 -21.46 1.11 5.75
N THR E 190 -21.01 1.72 6.83
CA THR E 190 -19.96 1.13 7.63
C THR E 190 -20.50 -0.12 8.28
N PHE E 191 -21.74 -0.05 8.76
CA PHE E 191 -22.38 -1.18 9.40
C PHE E 191 -22.38 -2.36 8.48
N MET E 192 -22.82 -2.18 7.23
CA MET E 192 -22.83 -3.31 6.33
C MET E 192 -21.42 -3.79 5.98
N ARG E 193 -20.48 -2.86 5.85
CA ARG E 193 -19.12 -3.20 5.50
C ARG E 193 -18.46 -4.07 6.55
N MET E 194 -18.81 -3.83 7.79
CA MET E 194 -18.28 -4.54 8.94
C MET E 194 -18.66 -6.02 8.97
N ALA E 195 -19.72 -6.39 8.27
CA ALA E 195 -20.18 -7.76 8.33
C ALA E 195 -20.83 -8.15 7.03
N TRP E 196 -20.05 -8.48 6.02
CA TRP E 196 -20.65 -8.70 4.72
C TRP E 196 -21.72 -9.78 4.77
N GLY E 197 -21.43 -10.86 5.48
CA GLY E 197 -22.34 -11.97 5.46
C GLY E 197 -22.39 -12.35 4.00
N GLY E 198 -23.59 -12.50 3.45
CA GLY E 198 -23.71 -12.80 2.03
C GLY E 198 -24.29 -11.60 1.29
N SER E 199 -24.46 -10.48 2.03
CA SER E 199 -25.08 -9.25 1.50
C SER E 199 -26.40 -9.50 0.75
N TYR E 200 -27.26 -10.40 1.27
CA TYR E 200 -28.52 -10.82 0.66
C TYR E 200 -29.21 -11.76 1.64
N GLY E 206 -30.76 -3.31 -4.26
CA GLY E 206 -31.02 -4.13 -5.42
C GLY E 206 -30.10 -3.77 -6.58
N CYS E 207 -28.76 -3.86 -6.34
CA CYS E 207 -27.63 -3.57 -7.24
C CYS E 207 -27.66 -2.12 -7.73
N GLY E 208 -28.08 -1.22 -6.87
CA GLY E 208 -28.08 0.20 -7.21
C GLY E 208 -26.77 0.72 -6.70
N ASN E 209 -26.59 2.04 -6.66
CA ASN E 209 -25.32 2.49 -6.14
C ASN E 209 -25.41 2.42 -4.62
N TRP E 210 -24.32 2.06 -3.98
CA TRP E 210 -24.25 1.98 -2.52
C TRP E 210 -24.05 3.34 -1.87
N ASP E 211 -23.60 4.29 -2.68
CA ASP E 211 -23.19 5.63 -2.26
C ASP E 211 -24.19 6.45 -1.42
N CYS E 212 -25.48 6.41 -1.79
CA CYS E 212 -26.59 7.13 -1.16
C CYS E 212 -27.78 6.20 -0.96
N ILE E 213 -27.70 5.46 0.13
CA ILE E 213 -28.66 4.45 0.50
C ILE E 213 -29.29 4.78 1.81
N MET E 214 -30.43 4.18 2.09
CA MET E 214 -31.12 4.42 3.34
C MET E 214 -31.89 3.19 3.76
N THR E 215 -32.12 3.05 5.06
CA THR E 215 -32.94 1.93 5.52
C THR E 215 -34.15 2.40 6.29
N SER E 216 -34.99 1.45 6.66
CA SER E 216 -36.23 1.71 7.39
C SER E 216 -36.06 1.96 8.87
N TYR E 217 -34.92 1.60 9.40
CA TYR E 217 -34.69 1.71 10.82
C TYR E 217 -34.22 3.11 11.18
N GLN E 218 -34.74 3.62 12.28
CA GLN E 218 -34.34 4.93 12.80
C GLN E 218 -33.06 4.96 13.61
N TYR E 219 -32.71 3.86 14.27
CA TYR E 219 -31.56 3.91 15.13
C TYR E 219 -30.60 2.74 15.01
N LEU E 220 -29.33 3.03 15.28
CA LEU E 220 -28.34 1.97 15.41
C LEU E 220 -27.85 1.87 16.82
N ILE E 221 -27.92 0.66 17.34
CA ILE E 221 -27.44 0.40 18.68
C ILE E 221 -26.24 -0.49 18.74
N ILE E 222 -25.26 -0.02 19.47
CA ILE E 222 -24.07 -0.79 19.71
C ILE E 222 -24.07 -1.12 21.17
N GLN E 223 -24.08 -2.40 21.51
CA GLN E 223 -24.13 -2.69 22.93
C GLN E 223 -23.36 -3.93 23.38
N ASN E 224 -22.77 -3.90 24.58
CA ASN E 224 -22.16 -5.18 25.00
C ASN E 224 -23.25 -6.23 25.18
N THR E 225 -22.76 -7.43 25.03
CA THR E 225 -23.50 -8.71 25.05
C THR E 225 -22.65 -9.86 25.55
N THR E 226 -23.23 -11.05 25.49
CA THR E 226 -22.56 -12.24 25.97
C THR E 226 -22.24 -13.21 24.85
N TRP E 227 -21.54 -14.30 25.18
CA TRP E 227 -21.09 -15.23 24.17
C TRP E 227 -22.11 -16.29 23.77
N GLU E 228 -23.17 -15.86 23.08
CA GLU E 228 -24.17 -16.83 22.66
C GLU E 228 -24.68 -16.62 21.25
N ASP E 229 -24.82 -17.71 20.52
CA ASP E 229 -25.42 -17.72 19.20
C ASP E 229 -24.81 -16.68 18.23
N HIS E 230 -25.68 -15.89 17.57
CA HIS E 230 -25.36 -14.86 16.58
C HIS E 230 -24.62 -15.30 15.31
N CYS E 231 -24.83 -16.55 14.83
CA CYS E 231 -24.22 -17.08 13.62
C CYS E 231 -25.19 -17.88 12.79
N GLN E 232 -25.81 -17.18 11.89
CA GLN E 232 -26.79 -17.74 11.01
C GLN E 232 -26.61 -17.02 9.70
N PHE E 233 -26.56 -17.77 8.61
CA PHE E 233 -26.32 -17.23 7.26
C PHE E 233 -24.90 -16.68 7.14
N SER E 234 -24.05 -17.02 8.10
CA SER E 234 -22.67 -16.60 8.11
C SER E 234 -21.86 -17.44 9.07
N ARG E 235 -20.57 -17.26 9.01
CA ARG E 235 -19.68 -17.89 9.97
C ARG E 235 -18.73 -16.80 10.39
N PRO E 236 -18.10 -16.87 11.56
CA PRO E 236 -17.17 -15.88 12.02
C PRO E 236 -16.05 -15.69 11.03
N SER E 237 -15.69 -14.44 10.82
CA SER E 237 -14.63 -14.08 9.92
C SER E 237 -13.94 -12.79 10.34
N PRO E 238 -12.62 -12.70 10.28
CA PRO E 238 -11.86 -11.54 10.63
C PRO E 238 -11.91 -10.46 9.57
N ILE E 239 -12.48 -10.78 8.42
CA ILE E 239 -12.40 -9.87 7.30
C ILE E 239 -13.05 -8.53 7.55
N GLY E 240 -14.21 -8.48 8.20
CA GLY E 240 -14.88 -7.20 8.38
C GLY E 240 -14.00 -6.21 9.12
N TYR E 241 -13.53 -6.61 10.28
CA TYR E 241 -12.70 -5.74 11.07
C TYR E 241 -11.46 -5.34 10.33
N LEU E 242 -10.80 -6.32 9.73
CA LEU E 242 -9.55 -6.00 9.10
C LEU E 242 -9.76 -5.03 7.97
N GLY E 243 -10.85 -5.19 7.24
CA GLY E 243 -11.14 -4.31 6.14
C GLY E 243 -11.26 -2.86 6.58
N LEU E 244 -11.79 -2.63 7.78
CA LEU E 244 -11.90 -1.27 8.22
C LEU E 244 -10.56 -0.74 8.63
N LEU E 245 -9.67 -1.60 9.11
CA LEU E 245 -8.36 -1.10 9.48
C LEU E 245 -7.63 -0.67 8.24
N SER E 246 -7.83 -1.42 7.16
CA SER E 246 -7.18 -1.11 5.89
C SER E 246 -7.60 0.26 5.33
N GLN E 247 -8.88 0.64 5.49
CA GLN E 247 -9.46 1.91 5.06
C GLN E 247 -8.80 3.06 5.84
N GLY F 260 13.10 -24.74 4.50
CA GLY F 260 13.21 -23.28 4.54
C GLY F 260 12.88 -22.62 3.18
N THR F 261 11.89 -23.14 2.44
CA THR F 261 11.47 -22.66 1.12
C THR F 261 10.26 -21.74 1.20
N PHE F 262 9.81 -21.49 2.41
CA PHE F 262 8.67 -20.65 2.63
C PHE F 262 9.15 -19.35 3.23
N THR F 263 8.85 -18.24 2.56
CA THR F 263 9.24 -16.92 3.00
C THR F 263 8.00 -16.15 3.40
N TRP F 264 6.84 -16.65 2.97
CA TRP F 264 5.54 -16.06 3.24
C TRP F 264 5.16 -16.11 4.71
N THR F 265 5.83 -16.97 5.47
CA THR F 265 5.57 -17.21 6.89
C THR F 265 6.19 -16.11 7.73
N LEU F 266 5.81 -16.04 9.01
CA LEU F 266 6.44 -15.01 9.85
C LEU F 266 7.78 -15.49 10.41
N SER F 267 7.79 -16.67 11.01
CA SER F 267 9.01 -17.20 11.58
C SER F 267 9.69 -17.98 10.46
N ASP F 268 10.95 -18.35 10.65
CA ASP F 268 11.66 -19.14 9.64
C ASP F 268 11.77 -20.65 9.92
N SER F 269 11.05 -21.14 10.93
CA SER F 269 11.10 -22.54 11.32
C SER F 269 10.13 -23.49 10.60
N GLU F 270 9.02 -22.92 10.15
CA GLU F 270 7.79 -23.70 9.94
C GLU F 270 8.07 -24.85 8.99
N GLY F 271 8.81 -24.61 7.91
CA GLY F 271 9.04 -25.66 6.90
C GLY F 271 9.82 -26.86 7.40
N LYS F 272 10.85 -26.67 8.21
CA LYS F 272 11.74 -27.80 8.60
C LYS F 272 11.04 -28.87 9.43
N ASP F 273 10.00 -28.50 10.20
CA ASP F 273 9.25 -29.41 11.10
C ASP F 273 8.48 -30.48 10.32
N THR F 274 7.37 -30.10 9.65
CA THR F 274 6.64 -31.07 8.78
C THR F 274 7.64 -31.50 7.71
N PRO F 275 7.59 -32.73 7.15
CA PRO F 275 8.66 -33.16 6.23
C PRO F 275 8.76 -32.18 5.07
N GLY F 276 7.63 -31.71 4.54
CA GLY F 276 7.63 -30.70 3.46
C GLY F 276 6.23 -30.17 3.28
N GLY F 277 6.00 -29.11 2.50
CA GLY F 277 4.60 -28.77 2.40
C GLY F 277 4.16 -28.03 3.63
N TYR F 278 2.87 -27.90 3.75
CA TYR F 278 2.30 -27.17 4.86
C TYR F 278 1.01 -27.90 5.19
N CYS F 279 0.75 -28.12 6.48
CA CYS F 279 -0.41 -28.87 6.95
C CYS F 279 -1.38 -28.02 7.74
N LEU F 280 -2.64 -28.34 7.56
CA LEU F 280 -3.74 -27.74 8.28
C LEU F 280 -4.40 -28.83 9.08
N THR F 281 -4.34 -28.68 10.39
CA THR F 281 -4.87 -29.70 11.26
C THR F 281 -6.36 -29.70 11.33
N ARG F 282 -6.88 -30.69 12.00
CA ARG F 282 -8.32 -30.85 12.10
C ARG F 282 -8.99 -29.64 12.70
N TRP F 283 -8.35 -29.04 13.65
CA TRP F 283 -8.93 -27.92 14.35
C TRP F 283 -9.07 -26.70 13.47
N MET F 284 -8.31 -26.64 12.40
CA MET F 284 -8.31 -25.51 11.51
C MET F 284 -9.29 -25.65 10.38
N LEU F 285 -9.93 -26.80 10.30
CA LEU F 285 -10.80 -27.08 9.18
C LEU F 285 -12.21 -27.34 9.62
N ILE F 286 -13.14 -27.10 8.74
CA ILE F 286 -14.51 -27.41 9.06
C ILE F 286 -14.92 -28.74 8.49
N GLU F 287 -15.38 -29.61 9.37
CA GLU F 287 -15.82 -30.94 9.01
C GLU F 287 -14.79 -31.68 8.18
N ALA F 288 -13.55 -31.63 8.61
CA ALA F 288 -12.49 -32.29 7.88
C ALA F 288 -11.39 -32.72 8.80
N GLU F 289 -10.66 -33.72 8.35
CA GLU F 289 -9.48 -34.25 9.02
C GLU F 289 -8.27 -33.59 8.43
N LEU F 290 -7.11 -33.96 8.92
CA LEU F 290 -5.87 -33.36 8.46
C LEU F 290 -5.64 -33.42 6.97
N LYS F 291 -5.27 -32.27 6.42
CA LYS F 291 -4.93 -32.14 5.02
C LYS F 291 -3.57 -31.46 4.91
N CYS F 292 -2.72 -31.90 3.97
CA CYS F 292 -1.40 -31.33 3.72
C CYS F 292 -1.25 -31.09 2.24
N PHE F 293 -0.65 -29.96 1.92
CA PHE F 293 -0.39 -29.57 0.55
C PHE F 293 1.08 -29.64 0.25
N GLY F 294 1.40 -29.93 -1.01
CA GLY F 294 2.78 -30.08 -1.44
C GLY F 294 3.59 -28.81 -1.32
N ASN F 295 4.88 -28.99 -1.05
CA ASN F 295 5.80 -27.88 -0.84
C ASN F 295 5.85 -26.95 -2.01
N THR F 296 5.79 -27.50 -3.20
CA THR F 296 5.88 -26.69 -4.37
C THR F 296 4.71 -25.74 -4.47
N ALA F 297 3.51 -26.25 -4.22
CA ALA F 297 2.34 -25.41 -4.33
C ALA F 297 2.31 -24.37 -3.23
N VAL F 298 2.70 -24.75 -2.03
CA VAL F 298 2.60 -23.81 -0.93
C VAL F 298 3.54 -22.65 -1.16
N ALA F 299 4.73 -22.96 -1.64
CA ALA F 299 5.76 -21.99 -1.88
C ALA F 299 5.33 -20.97 -2.92
N LYS F 300 4.29 -21.24 -3.69
CA LYS F 300 3.87 -20.24 -4.65
C LYS F 300 3.50 -18.92 -3.97
N CYS F 301 3.01 -18.95 -2.68
CA CYS F 301 2.59 -17.81 -1.89
C CYS F 301 3.76 -16.88 -1.59
N ASN F 302 4.97 -17.34 -1.86
CA ASN F 302 6.11 -16.48 -1.62
C ASN F 302 6.11 -15.32 -2.60
N GLU F 303 5.64 -15.56 -3.82
CA GLU F 303 5.66 -14.52 -4.83
C GLU F 303 4.30 -14.05 -5.22
N LYS F 304 3.29 -14.89 -5.08
CA LYS F 304 2.00 -14.45 -5.52
C LYS F 304 1.55 -13.33 -4.62
N HIS F 305 1.00 -12.31 -5.23
CA HIS F 305 0.51 -11.18 -4.50
C HIS F 305 -0.93 -10.90 -4.86
N ASP F 306 -1.61 -11.94 -5.33
CA ASP F 306 -2.99 -11.86 -5.74
C ASP F 306 -3.87 -13.03 -5.30
N GLU F 307 -3.50 -13.77 -4.25
CA GLU F 307 -4.30 -14.93 -3.88
C GLU F 307 -4.89 -14.92 -2.49
N GLU F 308 -6.22 -15.05 -2.42
CA GLU F 308 -6.93 -15.04 -1.16
C GLU F 308 -6.53 -16.15 -0.25
N PHE F 309 -6.26 -17.32 -0.81
CA PHE F 309 -5.89 -18.44 0.02
C PHE F 309 -4.63 -18.13 0.83
N CYS F 310 -3.58 -17.55 0.18
CA CYS F 310 -2.29 -17.23 0.77
C CYS F 310 -2.47 -16.23 1.91
N ASP F 311 -3.35 -15.25 1.76
CA ASP F 311 -3.51 -14.37 2.90
C ASP F 311 -4.15 -15.09 4.06
N MET F 312 -5.11 -15.96 3.80
CA MET F 312 -5.69 -16.64 4.93
C MET F 312 -4.71 -17.56 5.58
N LEU F 313 -3.85 -18.14 4.78
CA LEU F 313 -2.88 -19.07 5.28
C LEU F 313 -1.96 -18.32 6.22
N ARG F 314 -1.57 -17.11 5.81
CA ARG F 314 -0.71 -16.29 6.59
C ARG F 314 -1.34 -15.91 7.92
N LEU F 315 -2.64 -15.62 7.94
CA LEU F 315 -3.24 -15.28 9.22
C LEU F 315 -3.18 -16.42 10.18
N PHE F 316 -3.36 -17.63 9.67
CA PHE F 316 -3.29 -18.74 10.59
C PHE F 316 -1.89 -18.89 11.12
N ASP F 317 -0.90 -18.65 10.27
CA ASP F 317 0.47 -18.79 10.70
C ASP F 317 0.77 -17.74 11.77
N PHE F 318 0.26 -16.54 11.56
CA PHE F 318 0.44 -15.48 12.53
C PHE F 318 -0.16 -15.84 13.84
N ASN F 319 -1.39 -16.33 13.82
CA ASN F 319 -2.11 -16.68 15.00
C ASN F 319 -1.35 -17.71 15.78
N LYS F 320 -0.82 -18.71 15.10
CA LYS F 320 -0.05 -19.73 15.76
C LYS F 320 1.12 -19.12 16.48
N GLN F 321 1.83 -18.22 15.80
CA GLN F 321 2.97 -17.63 16.45
C GLN F 321 2.56 -16.75 17.59
N ALA F 322 1.50 -16.01 17.46
CA ALA F 322 1.16 -15.14 18.55
C ALA F 322 0.83 -15.91 19.80
N ILE F 323 0.15 -17.02 19.64
CA ILE F 323 -0.23 -17.79 20.79
C ILE F 323 0.96 -18.46 21.43
N GLN F 324 1.81 -19.07 20.62
CA GLN F 324 2.96 -19.76 21.13
C GLN F 324 4.05 -18.84 21.67
N ARG F 325 4.25 -17.71 21.02
CA ARG F 325 5.31 -16.78 21.39
C ARG F 325 4.94 -15.89 22.54
N LEU F 326 3.71 -15.44 22.61
CA LEU F 326 3.45 -14.50 23.66
C LEU F 326 2.92 -15.19 24.89
N LYS F 327 3.82 -15.20 25.85
CA LYS F 327 3.67 -15.79 27.19
C LYS F 327 2.69 -14.99 28.02
N ALA F 328 2.45 -13.78 27.55
CA ALA F 328 1.60 -12.80 28.16
C ALA F 328 0.18 -13.34 28.20
N PRO F 329 -0.68 -12.89 29.14
CA PRO F 329 -2.05 -13.34 29.21
C PRO F 329 -2.62 -13.13 27.83
N ALA F 330 -3.40 -14.10 27.37
CA ALA F 330 -3.93 -14.06 26.02
C ALA F 330 -5.13 -13.16 25.87
N GLN F 331 -4.86 -11.87 25.96
CA GLN F 331 -5.87 -10.86 25.78
C GLN F 331 -5.68 -10.47 24.35
N MET F 332 -6.67 -9.94 23.66
CA MET F 332 -6.25 -9.55 22.35
C MET F 332 -5.44 -8.31 22.46
N SER F 333 -4.34 -8.29 21.78
CA SER F 333 -3.63 -7.06 21.72
C SER F 333 -4.13 -6.42 20.49
N ILE F 334 -4.98 -5.45 20.68
CA ILE F 334 -5.60 -4.85 19.54
C ILE F 334 -4.56 -4.07 18.84
N GLN F 335 -3.69 -3.47 19.62
CA GLN F 335 -2.64 -2.68 19.04
C GLN F 335 -1.76 -3.57 18.18
N LEU F 336 -1.55 -4.82 18.57
CA LEU F 336 -0.71 -5.71 17.79
C LEU F 336 -1.33 -6.01 16.47
N ILE F 337 -2.63 -6.26 16.44
CA ILE F 337 -3.30 -6.53 15.19
C ILE F 337 -3.32 -5.32 14.32
N ASN F 338 -3.60 -4.18 14.91
CA ASN F 338 -3.71 -3.00 14.13
C ASN F 338 -2.37 -2.67 13.50
N LYS F 339 -1.30 -3.02 14.20
CA LYS F 339 0.02 -2.82 13.68
C LYS F 339 0.41 -3.87 12.62
N ALA F 340 0.14 -5.14 12.90
CA ALA F 340 0.51 -6.27 12.06
C ALA F 340 -0.28 -6.42 10.75
N VAL F 341 -1.54 -6.02 10.73
CA VAL F 341 -2.35 -6.27 9.55
C VAL F 341 -1.78 -5.67 8.28
N ASN F 342 -1.11 -4.56 8.38
CA ASN F 342 -0.60 -3.93 7.19
C ASN F 342 0.44 -4.78 6.51
N ALA F 343 1.10 -5.62 7.26
CA ALA F 343 2.15 -6.46 6.76
C ALA F 343 1.63 -7.79 6.28
N LEU F 344 0.56 -8.25 6.88
CA LEU F 344 0.08 -9.57 6.62
C LEU F 344 -1.01 -9.69 5.55
N ILE F 345 -1.81 -8.66 5.39
CA ILE F 345 -2.93 -8.72 4.47
C ILE F 345 -2.86 -7.82 3.27
N ASN F 346 -3.17 -8.39 2.11
CA ASN F 346 -3.21 -7.61 0.91
C ASN F 346 -4.58 -6.98 0.82
N ASP F 347 -4.62 -5.69 1.07
CA ASP F 347 -5.86 -4.96 1.17
C ASP F 347 -6.55 -4.86 -0.15
N GLN F 348 -5.81 -5.08 -1.22
CA GLN F 348 -6.41 -4.96 -2.51
C GLN F 348 -7.31 -6.14 -2.75
N LEU F 349 -7.02 -7.30 -2.15
CA LEU F 349 -7.88 -8.42 -2.36
C LEU F 349 -9.14 -8.17 -1.62
N ILE F 350 -8.98 -7.54 -0.47
CA ILE F 350 -10.15 -7.31 0.32
C ILE F 350 -11.04 -6.36 -0.42
N MET F 351 -10.45 -5.32 -0.97
CA MET F 351 -11.26 -4.37 -1.65
C MET F 351 -11.83 -4.88 -2.95
N LYS F 352 -11.14 -5.76 -3.66
CA LYS F 352 -11.74 -6.24 -4.89
C LYS F 352 -12.93 -7.09 -4.58
N ASN F 353 -12.86 -7.90 -3.54
CA ASN F 353 -14.02 -8.72 -3.27
C ASN F 353 -15.15 -7.86 -2.76
N HIS F 354 -14.81 -6.80 -2.06
CA HIS F 354 -15.82 -5.90 -1.58
C HIS F 354 -16.49 -5.24 -2.77
N LEU F 355 -15.69 -4.79 -3.73
CA LEU F 355 -16.16 -4.12 -4.91
C LEU F 355 -17.02 -5.02 -5.75
N ARG F 356 -16.61 -6.27 -5.92
CA ARG F 356 -17.39 -7.19 -6.69
C ARG F 356 -18.74 -7.39 -6.03
N ASP F 357 -18.75 -7.46 -4.71
CA ASP F 357 -20.02 -7.65 -4.04
C ASP F 357 -20.92 -6.45 -4.29
N ILE F 358 -20.35 -5.26 -4.25
CA ILE F 358 -21.13 -4.06 -4.47
C ILE F 358 -21.73 -4.03 -5.84
N MET F 359 -20.97 -4.41 -6.82
CA MET F 359 -21.42 -4.41 -8.20
C MET F 359 -22.20 -5.68 -8.65
N CYS F 360 -22.51 -6.62 -7.69
CA CYS F 360 -23.25 -7.88 -7.86
C CYS F 360 -22.52 -8.84 -8.82
N ILE F 361 -21.20 -8.88 -8.68
CA ILE F 361 -20.30 -9.72 -9.41
C ILE F 361 -19.85 -10.80 -8.45
N PRO F 362 -19.82 -12.07 -8.81
CA PRO F 362 -19.41 -13.15 -7.95
C PRO F 362 -18.07 -12.84 -7.35
N TYR F 363 -17.91 -13.18 -6.09
CA TYR F 363 -16.70 -12.81 -5.40
C TYR F 363 -16.34 -13.78 -4.30
N CYS F 364 -15.10 -13.65 -3.75
CA CYS F 364 -14.61 -14.49 -2.66
C CYS F 364 -15.01 -13.90 -1.31
N ASN F 365 -15.65 -14.71 -0.51
CA ASN F 365 -15.97 -14.29 0.84
C ASN F 365 -15.14 -15.06 1.90
N TYR F 366 -13.96 -15.61 1.49
CA TYR F 366 -12.95 -16.31 2.31
C TYR F 366 -13.48 -17.49 3.11
N SER F 367 -14.24 -18.34 2.45
CA SER F 367 -14.84 -19.50 3.07
C SER F 367 -14.20 -20.82 2.63
N LYS F 368 -14.55 -21.23 1.42
CA LYS F 368 -14.13 -22.47 0.84
C LYS F 368 -13.19 -22.23 -0.30
N TYR F 369 -12.29 -23.18 -0.46
CA TYR F 369 -11.31 -23.16 -1.48
C TYR F 369 -11.31 -24.46 -2.25
N TRP F 370 -11.14 -24.36 -3.57
CA TRP F 370 -11.25 -25.54 -4.47
C TRP F 370 -9.89 -25.81 -5.13
N TYR F 371 -9.45 -27.07 -5.13
CA TYR F 371 -8.16 -27.43 -5.68
C TYR F 371 -8.23 -28.70 -6.47
N LEU F 372 -7.25 -28.88 -7.33
CA LEU F 372 -7.17 -30.13 -8.05
C LEU F 372 -6.14 -31.02 -7.41
N ASN F 373 -6.43 -32.32 -7.47
CA ASN F 373 -5.61 -33.40 -6.87
C ASN F 373 -5.40 -34.50 -7.92
N HIS F 374 -4.16 -34.68 -8.38
CA HIS F 374 -3.81 -35.66 -9.42
C HIS F 374 -3.81 -37.04 -8.79
N THR F 375 -4.67 -37.88 -9.32
CA THR F 375 -4.89 -39.19 -8.78
C THR F 375 -3.64 -40.01 -8.79
N THR F 376 -3.51 -40.82 -7.74
CA THR F 376 -2.41 -41.75 -7.46
C THR F 376 -1.08 -41.08 -7.11
N THR F 377 -0.95 -39.79 -7.37
CA THR F 377 0.29 -39.11 -7.06
C THR F 377 0.08 -38.15 -5.92
N GLY F 378 -1.17 -37.70 -5.76
CA GLY F 378 -1.54 -36.79 -4.71
C GLY F 378 -1.00 -35.41 -5.00
N ARG F 379 -0.85 -35.08 -6.27
CA ARG F 379 -0.27 -33.79 -6.54
C ARG F 379 -1.35 -32.75 -6.47
N THR F 380 -1.12 -31.69 -5.70
CA THR F 380 -2.19 -30.68 -5.44
C THR F 380 -1.82 -29.33 -6.06
N SER F 381 -2.81 -28.63 -6.62
CA SER F 381 -2.69 -27.24 -6.98
C SER F 381 -2.79 -26.43 -5.72
N LEU F 382 -2.37 -25.18 -5.78
CA LEU F 382 -2.62 -24.35 -4.63
C LEU F 382 -4.12 -24.06 -4.73
N PRO F 383 -4.91 -24.13 -3.66
CA PRO F 383 -6.32 -23.84 -3.69
C PRO F 383 -6.62 -22.44 -4.12
N LYS F 384 -7.76 -22.30 -4.82
CA LYS F 384 -8.33 -20.99 -5.21
C LYS F 384 -9.68 -20.83 -4.51
N CYS F 385 -10.11 -19.58 -4.29
CA CYS F 385 -11.36 -19.31 -3.58
C CYS F 385 -12.58 -19.67 -4.45
N TRP F 386 -13.55 -20.29 -3.78
CA TRP F 386 -14.84 -20.70 -4.37
C TRP F 386 -15.84 -19.54 -4.26
N LEU F 387 -16.17 -18.90 -5.40
CA LEU F 387 -16.95 -17.68 -5.40
C LEU F 387 -18.41 -17.88 -5.10
N VAL F 388 -19.02 -16.81 -4.57
CA VAL F 388 -20.43 -16.72 -4.26
C VAL F 388 -21.09 -15.51 -4.86
N SER F 389 -22.40 -15.60 -5.02
CA SER F 389 -23.24 -14.48 -5.43
C SER F 389 -24.69 -14.75 -5.02
N ASN F 390 -25.49 -13.68 -4.77
CA ASN F 390 -26.95 -13.76 -4.50
C ASN F 390 -27.28 -14.75 -3.35
N GLY F 391 -26.44 -14.78 -2.30
CA GLY F 391 -26.61 -15.64 -1.12
C GLY F 391 -26.11 -17.08 -1.26
N SER F 392 -25.48 -17.44 -2.37
CA SER F 392 -25.04 -18.83 -2.50
C SER F 392 -23.80 -19.03 -3.36
N TYR F 393 -23.30 -20.25 -3.35
CA TYR F 393 -22.11 -20.58 -4.11
C TYR F 393 -22.39 -20.81 -5.56
N LEU F 394 -21.41 -20.51 -6.38
CA LEU F 394 -21.52 -20.76 -7.80
C LEU F 394 -21.20 -22.22 -8.12
N ASN F 395 -21.86 -22.79 -9.14
CA ASN F 395 -21.59 -24.13 -9.63
C ASN F 395 -20.30 -24.15 -10.47
N GLU F 396 -19.63 -25.32 -10.47
CA GLU F 396 -18.41 -25.65 -11.20
C GLU F 396 -18.62 -25.59 -12.68
N THR F 397 -19.88 -25.52 -13.05
CA THR F 397 -20.30 -25.42 -14.40
C THR F 397 -20.02 -24.01 -14.89
N HIS F 398 -20.18 -23.02 -14.02
CA HIS F 398 -20.00 -21.65 -14.43
C HIS F 398 -18.56 -21.35 -14.62
N PHE F 399 -17.75 -22.02 -13.84
CA PHE F 399 -16.34 -21.79 -13.96
C PHE F 399 -15.60 -23.06 -14.32
N SER F 400 -16.26 -23.89 -15.12
CA SER F 400 -15.68 -25.15 -15.57
C SER F 400 -14.38 -24.88 -16.28
N ASP F 401 -14.37 -23.81 -17.04
CA ASP F 401 -13.24 -23.43 -17.84
C ASP F 401 -12.01 -23.15 -17.00
N ASP F 402 -12.20 -22.63 -15.80
CA ASP F 402 -11.08 -22.27 -14.99
C ASP F 402 -10.55 -23.50 -14.35
N ILE F 403 -11.43 -24.44 -14.08
CA ILE F 403 -11.01 -25.66 -13.46
C ILE F 403 -10.13 -26.38 -14.45
N GLU F 404 -10.58 -26.44 -15.69
CA GLU F 404 -9.76 -27.08 -16.68
C GLU F 404 -8.47 -26.34 -16.93
N GLN F 405 -8.47 -25.01 -16.86
CA GLN F 405 -7.22 -24.33 -17.08
C GLN F 405 -6.22 -24.76 -16.03
N GLN F 406 -6.67 -24.91 -14.80
CA GLN F 406 -5.74 -25.31 -13.78
C GLN F 406 -5.24 -26.72 -14.02
N ALA F 407 -6.11 -27.61 -14.51
CA ALA F 407 -5.67 -28.97 -14.77
C ALA F 407 -4.57 -28.97 -15.81
N ASP F 408 -4.72 -28.13 -16.83
CA ASP F 408 -3.72 -28.06 -17.86
C ASP F 408 -2.45 -27.43 -17.36
N ASN F 409 -2.57 -26.50 -16.44
CA ASN F 409 -1.37 -25.88 -15.95
C ASN F 409 -0.56 -26.93 -15.22
N MET F 410 -1.23 -27.80 -14.47
CA MET F 410 -0.53 -28.83 -13.73
C MET F 410 0.09 -29.84 -14.68
N ILE F 411 -0.60 -30.16 -15.76
CA ILE F 411 -0.06 -31.12 -16.70
C ILE F 411 1.19 -30.57 -17.30
N THR F 412 1.15 -29.30 -17.69
CA THR F 412 2.29 -28.69 -18.29
C THR F 412 3.44 -28.73 -17.36
N GLU F 413 3.25 -28.37 -16.09
CA GLU F 413 4.41 -28.39 -15.23
C GLU F 413 4.99 -29.77 -15.12
N MET F 414 4.15 -30.78 -15.04
CA MET F 414 4.67 -32.13 -14.91
C MET F 414 5.54 -32.49 -16.10
N LEU F 415 5.06 -32.19 -17.30
CA LEU F 415 5.83 -32.53 -18.46
C LEU F 415 7.11 -31.76 -18.60
N GLN F 416 7.07 -30.47 -18.29
CA GLN F 416 8.25 -29.67 -18.47
C GLN F 416 9.33 -30.15 -17.54
N LYS F 417 8.93 -30.56 -16.35
CA LYS F 417 9.87 -31.05 -15.40
C LYS F 417 10.46 -32.33 -15.91
N GLU F 418 9.63 -33.23 -16.45
CA GLU F 418 10.19 -34.49 -16.92
C GLU F 418 11.21 -34.27 -18.00
N TYR F 419 10.95 -33.33 -18.88
CA TYR F 419 11.84 -33.09 -19.98
C TYR F 419 13.14 -32.51 -19.51
N MET F 420 13.08 -31.56 -18.58
CA MET F 420 14.31 -30.97 -18.12
C MET F 420 15.10 -31.91 -17.24
N GLU F 421 14.42 -32.79 -16.52
CA GLU F 421 15.08 -33.77 -15.68
C GLU F 421 15.79 -34.78 -16.57
N ARG F 422 15.13 -35.14 -17.66
CA ARG F 422 15.70 -36.05 -18.65
C ARG F 422 16.98 -35.48 -19.30
N GLN F 423 17.01 -34.13 -19.59
CA GLN F 423 18.15 -33.39 -20.14
C GLN F 423 19.35 -33.48 -19.17
#